data_1LT8
#
_entry.id   1LT8
#
_cell.length_a   109.702
_cell.length_b   90.836
_cell.length_c   88.403
_cell.angle_alpha   90.00
_cell.angle_beta   122.28
_cell.angle_gamma   90.00
#
_symmetry.space_group_name_H-M   'C 1 2 1'
#
loop_
_entity.id
_entity.type
_entity.pdbx_description
1 polymer 'BETAINE-HOMOCYSTEINE METHYLTRANSFERASE'
2 non-polymer 'ZINC ION'
3 non-polymer S-(D-CARBOXYBUTYL)-L-HOMOCYSTEINE
4 non-polymer 'CITRIC ACID'
5 water water
#
_entity_poly.entity_id   1
_entity_poly.type   'polypeptide(L)'
_entity_poly.pdbx_seq_one_letter_code
;MAPVGGKKAKKGILERLNAGEIVIGDGGFVFALEKRGYVKAGPWTPEAAVEHPEAVRQLHREFLRAGSNVMQTFTFYASE
DKLENRGNYVLEKISGQEVNEAAADIARQVADEGDALVAGGVSQTPSYLSAKSETEVKKVFLQQLEVFMKKNVDFLIAEY
FEHVEEAVWAVETLIASGKPVAATMAIGPEGDLHGVPPGEAAVRLVKAGASIIGVNCHFDPTISLKTVKLMKEGLEAAQL
KAHLMSQPLAYHTPDANKQGFIDLPEFPFGLEPRVATRWDIQKYAREAYNLGVRYIGGCCGFEPYHIRAIAEELAPERGF
LPPASEKHGSWGSGLDMHTKPWVRARARKEYWENLRIASGRPYNPSMSKPDGWGVTKGTAELMQQKEATTEQQLKELFEK
QKFKSQ
;
_entity_poly.pdbx_strand_id   A,B
#
# COMPACT_ATOMS: atom_id res chain seq x y z
N LYS A 11 20.50 5.01 22.03
CA LYS A 11 21.28 6.27 21.86
C LYS A 11 20.37 7.36 21.33
N GLY A 12 20.76 8.62 21.52
CA GLY A 12 19.96 9.73 21.04
C GLY A 12 20.12 9.90 19.55
N ILE A 13 19.61 11.01 19.00
CA ILE A 13 19.68 11.25 17.56
C ILE A 13 21.03 11.81 17.09
N LEU A 14 21.57 12.78 17.81
CA LEU A 14 22.85 13.37 17.42
C LEU A 14 23.99 12.42 17.78
N GLU A 15 23.78 11.62 18.81
CA GLU A 15 24.78 10.67 19.26
C GLU A 15 24.84 9.54 18.23
N ARG A 16 23.67 9.05 17.81
CA ARG A 16 23.62 7.98 16.82
C ARG A 16 24.39 8.44 15.60
N LEU A 17 23.96 9.54 15.03
CA LEU A 17 24.59 10.11 13.84
C LEU A 17 26.08 10.27 14.04
N ASN A 18 26.47 10.93 15.12
CA ASN A 18 27.88 11.14 15.40
C ASN A 18 28.64 9.82 15.56
N ALA A 19 27.94 8.79 16.03
CA ALA A 19 28.55 7.48 16.20
C ALA A 19 28.68 6.76 14.86
N GLY A 20 28.59 7.52 13.77
CA GLY A 20 28.71 6.97 12.43
C GLY A 20 27.57 6.08 11.97
N GLU A 21 26.44 6.13 12.69
CA GLU A 21 25.31 5.29 12.35
C GLU A 21 24.38 5.90 11.30
N ILE A 22 23.65 5.02 10.63
CA ILE A 22 22.69 5.43 9.61
C ILE A 22 21.30 5.43 10.24
N VAL A 23 20.70 6.59 10.34
CA VAL A 23 19.36 6.68 10.91
C VAL A 23 18.32 6.49 9.81
N ILE A 24 17.47 5.48 9.95
CA ILE A 24 16.41 5.21 8.96
C ILE A 24 15.12 5.85 9.45
N GLY A 25 14.52 6.70 8.63
CA GLY A 25 13.28 7.35 9.02
C GLY A 25 12.11 6.43 8.83
N ASP A 26 10.90 6.92 9.08
CA ASP A 26 9.72 6.09 8.87
C ASP A 26 9.06 6.62 7.60
N GLY A 27 7.99 5.97 7.15
CA GLY A 27 7.36 6.36 5.90
C GLY A 27 6.34 7.49 5.87
N GLY A 28 5.44 7.42 4.88
CA GLY A 28 4.41 8.44 4.70
C GLY A 28 3.09 7.98 5.31
N PHE A 29 2.83 8.46 6.52
CA PHE A 29 1.62 8.11 7.27
C PHE A 29 0.27 8.50 6.68
N VAL A 30 0.08 9.78 6.36
CA VAL A 30 -1.23 10.20 5.84
C VAL A 30 -1.62 9.44 4.59
N PHE A 31 -0.68 9.27 3.67
CA PHE A 31 -0.97 8.55 2.44
C PHE A 31 -1.21 7.08 2.71
N ALA A 32 -0.40 6.50 3.59
CA ALA A 32 -0.54 5.09 3.92
C ALA A 32 -1.87 4.86 4.64
N LEU A 33 -2.18 5.73 5.60
CA LEU A 33 -3.42 5.62 6.34
C LEU A 33 -4.63 5.90 5.48
N GLU A 34 -4.49 6.84 4.54
CA GLU A 34 -5.59 7.17 3.64
C GLU A 34 -5.98 5.91 2.89
N LYS A 35 -5.00 5.16 2.41
CA LYS A 35 -5.27 3.93 1.66
C LYS A 35 -5.87 2.82 2.50
N ARG A 36 -5.61 2.82 3.80
CA ARG A 36 -6.17 1.78 4.65
C ARG A 36 -7.54 2.19 5.22
N GLY A 37 -7.96 3.42 4.94
CA GLY A 37 -9.26 3.90 5.37
C GLY A 37 -9.39 4.73 6.64
N TYR A 38 -8.29 5.28 7.13
CA TYR A 38 -8.33 6.06 8.37
C TYR A 38 -8.05 7.55 8.22
N VAL A 39 -7.65 7.97 7.02
CA VAL A 39 -7.35 9.39 6.78
C VAL A 39 -8.12 9.91 5.57
N LYS A 40 -8.45 11.19 5.62
CA LYS A 40 -9.21 11.83 4.55
C LYS A 40 -8.31 12.71 3.67
N ALA A 41 -8.10 12.28 2.43
CA ALA A 41 -7.28 13.06 1.50
C ALA A 41 -7.96 14.42 1.36
N GLY A 42 -7.16 15.47 1.28
CA GLY A 42 -7.70 16.81 1.19
C GLY A 42 -7.18 17.54 2.41
N PRO A 43 -7.84 17.36 3.57
CA PRO A 43 -7.41 18.00 4.82
C PRO A 43 -6.22 17.25 5.42
N TRP A 44 -6.06 15.99 5.02
CA TRP A 44 -4.98 15.14 5.49
C TRP A 44 -4.69 15.28 6.99
N THR A 45 -5.73 15.22 7.82
CA THR A 45 -5.57 15.36 9.28
C THR A 45 -5.40 14.04 10.03
N PRO A 46 -4.69 14.07 11.18
CA PRO A 46 -4.42 12.89 12.02
C PRO A 46 -5.41 12.50 13.13
N GLU A 47 -6.71 12.70 12.96
CA GLU A 47 -7.62 12.33 14.03
C GLU A 47 -7.68 10.83 14.34
N ALA A 48 -7.15 10.00 13.44
CA ALA A 48 -7.15 8.55 13.63
C ALA A 48 -6.41 8.14 14.90
N ALA A 49 -5.52 8.99 15.38
CA ALA A 49 -4.77 8.70 16.59
C ALA A 49 -5.74 8.38 17.74
N VAL A 50 -6.83 9.13 17.80
CA VAL A 50 -7.84 8.95 18.83
C VAL A 50 -9.02 8.10 18.36
N GLU A 51 -9.43 8.31 17.12
CA GLU A 51 -10.54 7.54 16.56
C GLU A 51 -10.16 6.08 16.39
N HIS A 52 -8.98 5.82 15.84
CA HIS A 52 -8.52 4.45 15.60
C HIS A 52 -7.03 4.27 15.89
N PRO A 53 -6.64 4.17 17.17
CA PRO A 53 -5.25 4.00 17.59
C PRO A 53 -4.58 2.70 17.12
N GLU A 54 -5.34 1.61 17.07
CA GLU A 54 -4.81 0.33 16.64
C GLU A 54 -4.33 0.38 15.19
N ALA A 55 -5.00 1.20 14.39
CA ALA A 55 -4.63 1.35 12.98
C ALA A 55 -3.31 2.13 12.90
N VAL A 56 -3.17 3.15 13.73
CA VAL A 56 -1.97 3.97 13.77
C VAL A 56 -0.80 3.18 14.35
N ARG A 57 -1.05 2.52 15.47
CA ARG A 57 -0.05 1.70 16.17
C ARG A 57 0.53 0.62 15.25
N GLN A 58 -0.34 -0.05 14.50
CA GLN A 58 0.09 -1.10 13.58
C GLN A 58 1.00 -0.55 12.48
N LEU A 59 0.71 0.65 11.97
CA LEU A 59 1.53 1.24 10.92
C LEU A 59 2.91 1.52 11.49
N HIS A 60 2.94 2.10 12.70
CA HIS A 60 4.21 2.40 13.39
C HIS A 60 5.05 1.14 13.53
N ARG A 61 4.39 0.05 13.92
CA ARG A 61 5.08 -1.23 14.11
C ARG A 61 5.66 -1.76 12.80
N GLU A 62 4.90 -1.66 11.72
CA GLU A 62 5.38 -2.13 10.42
C GLU A 62 6.64 -1.35 10.05
N PHE A 63 6.64 -0.04 10.29
CA PHE A 63 7.82 0.75 9.98
C PHE A 63 8.98 0.38 10.89
N LEU A 64 8.69 0.15 12.17
CA LEU A 64 9.71 -0.24 13.14
C LEU A 64 10.30 -1.60 12.74
N ARG A 65 9.42 -2.52 12.32
CA ARG A 65 9.82 -3.85 11.90
C ARG A 65 10.63 -3.81 10.59
N ALA A 66 10.46 -2.73 9.83
CA ALA A 66 11.15 -2.56 8.55
C ALA A 66 12.53 -1.92 8.74
N GLY A 67 12.80 -1.43 9.95
CA GLY A 67 14.09 -0.84 10.23
C GLY A 67 14.14 0.64 10.55
N SER A 68 12.98 1.30 10.66
CA SER A 68 12.99 2.71 10.99
C SER A 68 13.54 2.89 12.40
N ASN A 69 14.37 3.91 12.58
CA ASN A 69 14.96 4.21 13.88
C ASN A 69 14.23 5.39 14.47
N VAL A 70 13.21 5.84 13.75
CA VAL A 70 12.41 6.98 14.19
C VAL A 70 10.93 6.78 13.97
N MET A 71 10.14 7.13 14.98
CA MET A 71 8.70 7.05 14.90
C MET A 71 8.25 8.49 14.98
N GLN A 72 7.90 9.10 13.85
CA GLN A 72 7.44 10.49 13.87
C GLN A 72 6.03 10.51 14.44
N THR A 73 5.71 11.50 15.27
CA THR A 73 4.38 11.56 15.84
C THR A 73 3.41 11.91 14.73
N PHE A 74 2.37 11.09 14.61
CA PHE A 74 1.34 11.32 13.59
C PHE A 74 0.69 12.66 13.96
N THR A 75 1.43 13.74 13.73
CA THR A 75 0.97 15.08 14.05
C THR A 75 1.10 16.07 12.89
N PHE A 76 0.97 15.55 11.67
CA PHE A 76 1.04 16.39 10.48
C PHE A 76 -0.32 17.08 10.39
N TYR A 77 -0.31 18.41 10.25
CA TYR A 77 -1.56 19.15 10.19
C TYR A 77 -2.33 18.94 11.49
N ALA A 78 -1.60 18.85 12.60
CA ALA A 78 -2.21 18.65 13.90
C ALA A 78 -2.04 19.88 14.78
N SER A 79 -1.80 21.02 14.14
CA SER A 79 -1.64 22.27 14.86
C SER A 79 -3.03 22.90 14.98
N GLU A 80 -3.16 23.97 15.76
CA GLU A 80 -4.46 24.59 15.91
C GLU A 80 -4.78 25.56 14.77
N ASP A 81 -6.08 25.72 14.53
CA ASP A 81 -6.63 26.53 13.45
C ASP A 81 -6.46 25.56 12.29
N LYS A 82 -6.73 24.29 12.63
CA LYS A 82 -6.64 23.18 11.70
C LYS A 82 -7.22 21.96 12.42
N GLY A 96 -8.45 18.92 19.65
CA GLY A 96 -7.25 18.85 18.76
C GLY A 96 -5.98 18.49 19.51
N GLN A 97 -5.78 19.13 20.65
CA GLN A 97 -4.61 18.89 21.47
C GLN A 97 -4.58 17.46 21.98
N GLU A 98 -5.75 16.83 22.07
CA GLU A 98 -5.83 15.45 22.52
C GLU A 98 -5.22 14.54 21.45
N VAL A 99 -5.34 14.97 20.19
CA VAL A 99 -4.79 14.21 19.08
C VAL A 99 -3.28 14.14 19.24
N ASN A 100 -2.64 15.31 19.38
CA ASN A 100 -1.20 15.36 19.54
C ASN A 100 -0.73 14.43 20.65
N GLU A 101 -1.36 14.54 21.81
CA GLU A 101 -0.98 13.72 22.94
C GLU A 101 -1.20 12.23 22.67
N ALA A 102 -2.34 11.90 22.09
CA ALA A 102 -2.63 10.50 21.78
C ALA A 102 -1.61 9.97 20.78
N ALA A 103 -1.30 10.79 19.78
CA ALA A 103 -0.34 10.40 18.76
C ALA A 103 1.01 10.18 19.43
N ALA A 104 1.44 11.17 20.21
CA ALA A 104 2.71 11.09 20.93
C ALA A 104 2.83 9.78 21.72
N ASP A 105 1.75 9.40 22.39
CA ASP A 105 1.76 8.18 23.19
C ASP A 105 1.99 6.96 22.31
N ILE A 106 1.21 6.81 21.24
CA ILE A 106 1.37 5.68 20.34
C ILE A 106 2.81 5.59 19.83
N ALA A 107 3.34 6.72 19.40
CA ALA A 107 4.71 6.78 18.88
C ALA A 107 5.73 6.27 19.90
N ARG A 108 5.63 6.74 21.14
CA ARG A 108 6.53 6.30 22.21
C ARG A 108 6.22 4.85 22.52
N GLN A 109 4.93 4.56 22.63
CA GLN A 109 4.48 3.20 22.91
C GLN A 109 5.18 2.25 21.95
N VAL A 110 5.23 2.63 20.67
CA VAL A 110 5.85 1.79 19.65
C VAL A 110 7.39 1.89 19.63
N ALA A 111 7.91 3.10 19.81
CA ALA A 111 9.36 3.28 19.81
C ALA A 111 10.00 2.34 20.83
N ASP A 112 9.46 2.36 22.05
CA ASP A 112 9.99 1.53 23.14
C ASP A 112 10.08 0.04 22.79
N GLU A 113 9.49 -0.36 21.66
CA GLU A 113 9.54 -1.76 21.25
C GLU A 113 10.81 -2.11 20.48
N GLY A 114 11.65 -1.12 20.20
CA GLY A 114 12.88 -1.40 19.48
C GLY A 114 13.92 -0.29 19.54
N ASP A 115 14.81 -0.25 18.55
CA ASP A 115 15.86 0.76 18.51
C ASP A 115 15.39 1.99 17.75
N ALA A 116 14.44 2.73 18.32
CA ALA A 116 13.93 3.92 17.66
C ALA A 116 13.71 5.07 18.63
N LEU A 117 13.61 6.28 18.09
CA LEU A 117 13.36 7.46 18.90
C LEU A 117 12.01 8.01 18.48
N VAL A 118 11.40 8.82 19.34
CA VAL A 118 10.13 9.44 19.01
C VAL A 118 10.54 10.81 18.51
N ALA A 119 9.87 11.32 17.49
CA ALA A 119 10.20 12.61 16.93
C ALA A 119 8.95 13.49 16.80
N GLY A 120 8.93 14.59 17.55
CA GLY A 120 7.78 15.48 17.50
C GLY A 120 7.87 16.36 16.27
N GLY A 121 6.89 16.25 15.38
CA GLY A 121 6.94 17.04 14.18
C GLY A 121 5.91 18.16 14.03
N VAL A 122 6.33 19.20 13.32
CA VAL A 122 5.49 20.35 13.04
C VAL A 122 5.68 20.69 11.55
N SER A 123 4.62 21.19 10.92
CA SER A 123 4.65 21.53 9.49
C SER A 123 4.31 23.00 9.23
N GLN A 124 4.30 23.41 7.97
CA GLN A 124 3.95 24.80 7.69
C GLN A 124 2.52 25.04 8.19
N THR A 125 2.23 26.31 8.46
CA THR A 125 0.93 26.68 9.02
C THR A 125 0.05 27.59 8.18
N PRO A 126 -1.28 27.50 8.36
CA PRO A 126 -2.21 28.34 7.61
C PRO A 126 -1.97 29.79 8.03
N SER A 127 -1.81 29.98 9.32
CA SER A 127 -1.58 31.29 9.91
C SER A 127 -0.47 32.05 9.21
N TYR A 128 0.58 31.36 8.77
CA TYR A 128 1.66 32.04 8.09
C TYR A 128 1.25 32.40 6.67
N LEU A 129 0.44 31.51 6.08
CA LEU A 129 -0.03 31.71 4.71
C LEU A 129 -0.99 32.89 4.61
N SER A 130 -1.89 32.99 5.58
CA SER A 130 -2.86 34.08 5.59
C SER A 130 -2.24 35.39 6.04
N ALA A 131 -0.91 35.47 5.94
CA ALA A 131 -0.15 36.66 6.31
C ALA A 131 -0.46 37.20 7.70
N LYS A 132 -0.38 36.35 8.73
CA LYS A 132 -0.65 36.79 10.09
C LYS A 132 0.63 37.15 10.85
N SER A 133 1.42 38.06 10.26
CA SER A 133 2.67 38.53 10.85
C SER A 133 3.56 37.42 11.45
N GLU A 134 4.63 37.80 12.15
CA GLU A 134 5.56 36.82 12.73
C GLU A 134 5.35 36.35 14.16
N THR A 135 4.57 37.08 14.96
CA THR A 135 4.36 36.69 16.35
C THR A 135 3.21 35.68 16.55
N GLU A 136 2.33 35.60 15.55
CA GLU A 136 1.18 34.70 15.60
C GLU A 136 1.63 33.23 15.44
N VAL A 137 2.23 32.93 14.30
CA VAL A 137 2.71 31.58 13.96
C VAL A 137 3.52 30.87 15.06
N LYS A 138 4.58 31.51 15.52
CA LYS A 138 5.44 30.94 16.58
C LYS A 138 4.58 30.48 17.75
N LYS A 139 3.45 31.15 17.95
CA LYS A 139 2.56 30.77 19.04
C LYS A 139 1.93 29.42 18.72
N VAL A 140 1.60 29.22 17.45
CA VAL A 140 1.00 27.96 17.02
C VAL A 140 2.06 26.86 17.18
N PHE A 141 3.28 27.16 16.76
CA PHE A 141 4.39 26.21 16.88
C PHE A 141 4.60 25.88 18.35
N LEU A 142 4.76 26.92 19.17
CA LEU A 142 4.96 26.72 20.59
C LEU A 142 3.77 25.97 21.18
N GLN A 143 2.58 26.25 20.64
CA GLN A 143 1.37 25.59 21.11
C GLN A 143 1.48 24.08 20.95
N GLN A 144 2.26 23.64 19.97
CA GLN A 144 2.43 22.20 19.72
C GLN A 144 3.69 21.68 20.40
N LEU A 145 4.70 22.53 20.48
CA LEU A 145 5.95 22.17 21.12
C LEU A 145 5.66 21.76 22.56
N GLU A 146 4.70 22.45 23.18
CA GLU A 146 4.32 22.20 24.56
C GLU A 146 3.96 20.74 24.87
N VAL A 147 3.18 20.12 24.00
CA VAL A 147 2.78 18.74 24.21
C VAL A 147 3.96 17.79 24.08
N PHE A 148 4.82 18.04 23.10
CA PHE A 148 5.98 17.19 22.90
C PHE A 148 6.92 17.24 24.11
N MET A 149 7.09 18.44 24.66
CA MET A 149 7.95 18.58 25.83
C MET A 149 7.36 17.83 27.01
N LYS A 150 6.08 18.03 27.26
CA LYS A 150 5.40 17.35 28.36
C LYS A 150 5.38 15.85 28.10
N LYS A 151 5.59 15.47 26.85
CA LYS A 151 5.61 14.07 26.46
C LYS A 151 7.07 13.58 26.38
N ASN A 152 8.00 14.52 26.43
CA ASN A 152 9.43 14.21 26.38
C ASN A 152 9.85 13.41 25.13
N VAL A 153 9.66 14.03 23.96
CA VAL A 153 10.04 13.42 22.69
C VAL A 153 11.57 13.54 22.59
N ASP A 154 12.21 12.65 21.83
CA ASP A 154 13.66 12.68 21.71
C ASP A 154 14.24 13.86 20.95
N PHE A 155 13.52 14.35 19.94
CA PHE A 155 13.98 15.51 19.17
C PHE A 155 12.84 16.09 18.34
N LEU A 156 13.10 17.19 17.63
CA LEU A 156 12.03 17.82 16.86
C LEU A 156 12.33 17.99 15.37
N ILE A 157 11.30 17.82 14.56
CA ILE A 157 11.42 17.99 13.12
C ILE A 157 10.49 19.07 12.61
N ALA A 158 11.05 20.05 11.92
CA ALA A 158 10.24 21.09 11.31
C ALA A 158 10.23 20.67 9.85
N GLU A 159 9.17 19.96 9.44
CA GLU A 159 9.07 19.49 8.07
C GLU A 159 7.95 20.13 7.27
N TYR A 160 7.98 19.85 5.98
CA TYR A 160 7.00 20.37 5.05
C TYR A 160 6.89 21.89 5.18
N PHE A 161 7.89 22.56 4.64
CA PHE A 161 7.97 24.01 4.64
C PHE A 161 8.38 24.43 3.24
N GLU A 162 7.60 25.31 2.64
CA GLU A 162 7.87 25.79 1.29
C GLU A 162 8.48 27.19 1.33
N HIS A 163 8.52 27.76 2.53
CA HIS A 163 9.09 29.09 2.75
C HIS A 163 10.18 28.98 3.83
N VAL A 164 11.40 29.37 3.48
CA VAL A 164 12.51 29.31 4.43
C VAL A 164 12.18 30.10 5.69
N GLU A 165 11.72 31.34 5.49
CA GLU A 165 11.39 32.21 6.61
C GLU A 165 10.50 31.55 7.66
N GLU A 166 9.48 30.81 7.22
CA GLU A 166 8.62 30.15 8.20
C GLU A 166 9.36 28.95 8.78
N ALA A 167 10.24 28.36 7.96
CA ALA A 167 11.03 27.23 8.40
C ALA A 167 11.93 27.70 9.55
N VAL A 168 12.62 28.81 9.32
CA VAL A 168 13.51 29.39 10.32
C VAL A 168 12.76 29.72 11.62
N TRP A 169 11.58 30.32 11.48
CA TRP A 169 10.77 30.68 12.64
C TRP A 169 10.43 29.45 13.47
N ALA A 170 10.10 28.35 12.79
CA ALA A 170 9.77 27.11 13.49
C ALA A 170 11.00 26.58 14.23
N VAL A 171 12.16 26.73 13.62
CA VAL A 171 13.40 26.25 14.24
C VAL A 171 13.67 27.03 15.53
N GLU A 172 13.74 28.35 15.41
CA GLU A 172 14.00 29.21 16.56
C GLU A 172 13.06 28.90 17.72
N THR A 173 11.89 28.37 17.42
CA THR A 173 10.90 28.03 18.44
C THR A 173 11.17 26.67 19.09
N LEU A 174 11.50 25.69 18.25
CA LEU A 174 11.76 24.34 18.74
C LEU A 174 13.10 24.18 19.45
N ILE A 175 14.10 24.98 19.08
CA ILE A 175 15.39 24.86 19.75
C ILE A 175 15.23 25.23 21.23
N ALA A 176 14.26 26.09 21.51
CA ALA A 176 13.98 26.53 22.87
C ALA A 176 13.91 25.34 23.82
N SER A 177 13.36 24.24 23.32
CA SER A 177 13.22 23.02 24.10
C SER A 177 14.60 22.43 24.44
N GLY A 178 15.64 23.02 23.87
CA GLY A 178 17.00 22.55 24.10
C GLY A 178 17.31 21.22 23.45
N LYS A 179 16.34 20.64 22.76
CA LYS A 179 16.55 19.35 22.10
C LYS A 179 17.02 19.50 20.65
N PRO A 180 17.45 18.38 20.05
CA PRO A 180 17.93 18.37 18.67
C PRO A 180 16.78 18.70 17.70
N VAL A 181 17.02 19.60 16.77
CA VAL A 181 15.99 19.94 15.81
C VAL A 181 16.43 19.77 14.37
N ALA A 182 15.63 19.03 13.62
CA ALA A 182 15.87 18.76 12.21
C ALA A 182 14.89 19.59 11.41
N ALA A 183 15.34 20.16 10.31
CA ALA A 183 14.49 20.99 9.46
C ALA A 183 14.60 20.54 8.01
N THR A 184 13.47 20.13 7.42
CA THR A 184 13.44 19.68 6.02
C THR A 184 12.50 20.57 5.20
N MET A 185 12.98 21.01 4.04
CA MET A 185 12.21 21.88 3.15
C MET A 185 11.49 21.09 2.05
N ALA A 186 10.25 21.50 1.75
CA ALA A 186 9.49 20.88 0.68
C ALA A 186 9.73 21.81 -0.50
N ILE A 187 10.94 21.73 -1.03
CA ILE A 187 11.35 22.55 -2.17
C ILE A 187 12.25 21.71 -3.06
N GLY A 188 12.40 22.13 -4.31
CA GLY A 188 13.24 21.39 -5.24
C GLY A 188 14.51 22.17 -5.51
N PRO A 189 15.31 21.78 -6.52
CA PRO A 189 16.56 22.46 -6.86
C PRO A 189 16.45 23.96 -7.12
N GLU A 190 15.26 24.42 -7.50
CA GLU A 190 15.06 25.83 -7.81
C GLU A 190 14.77 26.82 -6.68
N GLY A 191 14.65 26.34 -5.44
CA GLY A 191 14.40 27.27 -4.35
C GLY A 191 13.01 27.20 -3.77
N ASP A 192 12.80 27.93 -2.67
CA ASP A 192 11.51 27.95 -2.01
C ASP A 192 10.56 28.87 -2.78
N LEU A 193 9.34 29.02 -2.28
CA LEU A 193 8.35 29.85 -2.96
C LEU A 193 8.77 31.31 -3.19
N HIS A 194 9.63 31.85 -2.32
CA HIS A 194 10.08 33.23 -2.48
C HIS A 194 11.31 33.38 -3.36
N GLY A 195 11.82 32.26 -3.87
CA GLY A 195 12.98 32.31 -4.73
C GLY A 195 14.33 32.06 -4.09
N VAL A 196 14.32 31.63 -2.83
CA VAL A 196 15.57 31.36 -2.14
C VAL A 196 16.14 30.00 -2.53
N PRO A 197 17.34 29.97 -3.13
CA PRO A 197 17.93 28.69 -3.53
C PRO A 197 18.15 27.78 -2.32
N PRO A 198 18.26 26.47 -2.55
CA PRO A 198 18.48 25.50 -1.46
C PRO A 198 19.77 25.73 -0.66
N GLY A 199 20.82 26.19 -1.34
CA GLY A 199 22.07 26.45 -0.66
C GLY A 199 21.88 27.45 0.46
N GLU A 200 21.23 28.57 0.14
CA GLU A 200 20.95 29.60 1.12
C GLU A 200 20.01 29.10 2.21
N ALA A 201 18.97 28.38 1.81
CA ALA A 201 18.00 27.85 2.77
C ALA A 201 18.69 27.03 3.85
N ALA A 202 19.62 26.19 3.44
CA ALA A 202 20.34 25.33 4.37
C ALA A 202 21.14 26.14 5.41
N VAL A 203 21.78 27.21 4.95
CA VAL A 203 22.55 28.07 5.85
C VAL A 203 21.64 28.70 6.90
N ARG A 204 20.69 29.50 6.43
CA ARG A 204 19.74 30.17 7.32
C ARG A 204 19.12 29.17 8.28
N LEU A 205 18.98 27.92 7.83
CA LEU A 205 18.39 26.90 8.69
C LEU A 205 19.38 26.47 9.77
N VAL A 206 20.65 26.34 9.42
CA VAL A 206 21.66 25.94 10.40
C VAL A 206 22.01 27.13 11.30
N LYS A 207 22.06 28.32 10.73
CA LYS A 207 22.36 29.51 11.52
C LYS A 207 21.27 29.70 12.58
N ALA A 208 20.20 28.91 12.51
CA ALA A 208 19.11 29.06 13.45
C ALA A 208 18.98 27.98 14.54
N GLY A 209 19.75 26.90 14.46
CA GLY A 209 19.64 25.88 15.49
C GLY A 209 19.52 24.43 15.05
N ALA A 210 18.96 24.20 13.86
CA ALA A 210 18.83 22.84 13.33
C ALA A 210 20.19 22.16 13.25
N SER A 211 20.28 20.94 13.74
CA SER A 211 21.52 20.19 13.71
C SER A 211 21.44 19.18 12.57
N ILE A 212 20.26 19.11 11.97
CA ILE A 212 20.00 18.22 10.85
C ILE A 212 19.14 18.99 9.87
N ILE A 213 19.58 19.04 8.63
CA ILE A 213 18.84 19.74 7.61
C ILE A 213 18.65 18.86 6.37
N GLY A 214 17.49 18.98 5.76
CA GLY A 214 17.22 18.19 4.59
C GLY A 214 16.08 18.69 3.73
N VAL A 215 15.42 17.72 3.11
CA VAL A 215 14.33 17.99 2.20
C VAL A 215 13.32 16.86 2.40
N ASN A 216 12.04 17.14 2.15
CA ASN A 216 11.04 16.09 2.26
C ASN A 216 9.84 16.39 1.38
N CYS A 217 9.25 15.34 0.83
CA CYS A 217 8.05 15.46 -0.01
C CYS A 217 8.25 16.21 -1.33
N HIS A 218 7.15 16.48 -2.03
CA HIS A 218 7.16 17.20 -3.29
C HIS A 218 7.84 16.55 -4.52
N PHE A 219 9.02 15.96 -4.34
CA PHE A 219 9.72 15.32 -5.47
C PHE A 219 10.21 13.90 -5.19
N ASP A 220 10.47 13.16 -6.28
CA ASP A 220 10.97 11.78 -6.20
C ASP A 220 12.37 11.76 -5.60
N PRO A 221 12.91 10.58 -5.28
CA PRO A 221 14.25 10.48 -4.70
C PRO A 221 15.36 11.13 -5.51
N THR A 222 15.32 10.98 -6.84
CA THR A 222 16.37 11.54 -7.67
C THR A 222 16.47 13.05 -7.59
N ILE A 223 15.35 13.74 -7.82
CA ILE A 223 15.35 15.18 -7.74
C ILE A 223 15.62 15.63 -6.30
N SER A 224 15.10 14.90 -5.32
CA SER A 224 15.32 15.26 -3.92
C SER A 224 16.82 15.31 -3.56
N LEU A 225 17.58 14.32 -4.02
CA LEU A 225 19.01 14.29 -3.73
C LEU A 225 19.73 15.42 -4.41
N LYS A 226 19.21 15.91 -5.53
CA LYS A 226 19.84 17.04 -6.23
C LYS A 226 19.70 18.27 -5.35
N THR A 227 18.56 18.35 -4.67
CA THR A 227 18.26 19.45 -3.78
C THR A 227 19.21 19.41 -2.60
N VAL A 228 19.35 18.23 -2.03
CA VAL A 228 20.23 18.01 -0.89
C VAL A 228 21.69 18.30 -1.22
N LYS A 229 22.11 17.99 -2.45
CA LYS A 229 23.48 18.25 -2.86
C LYS A 229 23.73 19.75 -2.85
N LEU A 230 22.75 20.51 -3.32
CA LEU A 230 22.85 21.96 -3.37
C LEU A 230 22.84 22.57 -1.97
N MET A 231 22.13 21.95 -1.03
CA MET A 231 22.10 22.47 0.32
C MET A 231 23.47 22.20 0.95
N LYS A 232 24.01 21.02 0.68
CA LYS A 232 25.31 20.59 1.20
C LYS A 232 26.41 21.54 0.76
N GLU A 233 26.43 21.83 -0.54
CA GLU A 233 27.42 22.72 -1.10
C GLU A 233 27.24 24.14 -0.58
N GLY A 234 25.99 24.50 -0.30
CA GLY A 234 25.72 25.82 0.24
C GLY A 234 26.34 25.94 1.62
N LEU A 235 26.18 24.90 2.43
CA LEU A 235 26.73 24.87 3.78
C LEU A 235 28.25 24.91 3.71
N GLU A 236 28.82 24.08 2.86
CA GLU A 236 30.28 24.02 2.72
C GLU A 236 30.84 25.41 2.43
N ALA A 237 30.21 26.12 1.51
CA ALA A 237 30.63 27.46 1.13
C ALA A 237 30.38 28.46 2.25
N ALA A 238 29.67 28.02 3.29
CA ALA A 238 29.37 28.88 4.42
C ALA A 238 30.23 28.46 5.61
N GLN A 239 31.14 27.52 5.37
CA GLN A 239 32.04 27.01 6.39
C GLN A 239 31.24 26.38 7.53
N LEU A 240 29.95 26.16 7.29
CA LEU A 240 29.08 25.57 8.29
C LEU A 240 28.89 24.08 8.06
N LYS A 241 28.31 23.42 9.04
CA LYS A 241 28.07 21.99 8.94
C LYS A 241 26.85 21.51 9.71
N ALA A 242 26.26 20.43 9.22
CA ALA A 242 25.09 19.83 9.84
C ALA A 242 24.84 18.48 9.19
N HIS A 243 24.12 17.63 9.88
CA HIS A 243 23.81 16.32 9.35
C HIS A 243 22.81 16.49 8.22
N LEU A 244 22.93 15.65 7.19
CA LEU A 244 22.04 15.71 6.03
C LEU A 244 20.91 14.70 6.17
N MET A 245 19.73 15.10 5.71
CA MET A 245 18.54 14.28 5.81
C MET A 245 17.67 14.35 4.55
N SER A 246 17.03 13.24 4.21
CA SER A 246 16.16 13.20 3.05
C SER A 246 15.00 12.24 3.27
N GLN A 247 13.81 12.72 2.90
CA GLN A 247 12.57 11.96 2.99
C GLN A 247 11.76 12.36 1.76
N PRO A 248 12.17 11.86 0.59
CA PRO A 248 11.50 12.14 -0.67
C PRO A 248 10.22 11.34 -0.81
N LEU A 249 9.49 11.63 -1.88
CA LEU A 249 8.27 10.91 -2.22
C LEU A 249 8.72 9.55 -2.73
N ALA A 250 7.85 8.56 -2.66
CA ALA A 250 8.17 7.25 -3.22
C ALA A 250 7.55 7.22 -4.62
N TYR A 251 7.18 8.39 -5.14
CA TYR A 251 6.60 8.49 -6.48
C TYR A 251 7.58 9.16 -7.41
N HIS A 252 7.72 8.61 -8.62
CA HIS A 252 8.58 9.19 -9.65
C HIS A 252 7.90 10.48 -10.12
N THR A 253 8.66 11.56 -10.22
CA THR A 253 8.11 12.84 -10.66
C THR A 253 8.99 13.60 -11.65
N PRO A 254 9.42 12.94 -12.74
CA PRO A 254 10.26 13.62 -13.73
C PRO A 254 9.51 14.76 -14.42
N ASP A 255 8.19 14.76 -14.27
CA ASP A 255 7.38 15.78 -14.90
C ASP A 255 6.95 16.96 -14.03
N ALA A 256 7.31 16.95 -12.75
CA ALA A 256 6.93 18.05 -11.88
C ALA A 256 7.75 19.33 -12.10
N ASN A 257 7.11 20.49 -11.93
CA ASN A 257 7.83 21.74 -12.06
C ASN A 257 8.27 22.08 -10.63
N LYS A 258 8.82 23.27 -10.38
CA LYS A 258 9.28 23.61 -9.03
C LYS A 258 8.24 23.57 -7.93
N GLN A 259 6.97 23.40 -8.28
CA GLN A 259 5.89 23.35 -7.30
C GLN A 259 5.68 21.98 -6.65
N GLY A 260 6.29 20.95 -7.21
CA GLY A 260 6.13 19.63 -6.63
C GLY A 260 4.98 18.82 -7.23
N PHE A 261 4.82 17.59 -6.75
CA PHE A 261 3.80 16.70 -7.27
C PHE A 261 2.35 17.12 -7.08
N ILE A 262 2.09 18.05 -6.16
CA ILE A 262 0.74 18.48 -5.95
C ILE A 262 0.11 19.08 -7.21
N ASP A 263 0.92 19.75 -8.02
CA ASP A 263 0.43 20.37 -9.25
C ASP A 263 0.23 19.40 -10.41
N LEU A 264 0.73 18.17 -10.26
CA LEU A 264 0.55 17.18 -11.32
C LEU A 264 -0.93 16.78 -11.30
N PRO A 265 -1.52 16.56 -12.49
CA PRO A 265 -2.92 16.18 -12.67
C PRO A 265 -3.39 14.97 -11.83
N GLU A 266 -2.48 14.04 -11.61
CA GLU A 266 -2.81 12.82 -10.86
C GLU A 266 -2.81 12.93 -9.34
N PHE A 267 -2.37 14.06 -8.78
CA PHE A 267 -2.37 14.21 -7.33
C PHE A 267 -3.81 14.42 -6.85
N PRO A 268 -4.25 13.65 -5.84
CA PRO A 268 -3.48 12.62 -5.14
C PRO A 268 -4.06 11.21 -5.39
N PHE A 269 -5.05 11.13 -6.28
CA PHE A 269 -5.73 9.87 -6.54
C PHE A 269 -5.37 9.04 -7.76
N GLY A 270 -4.38 9.49 -8.53
CA GLY A 270 -3.98 8.74 -9.71
C GLY A 270 -2.47 8.58 -9.78
N LEU A 271 -1.82 8.63 -8.62
CA LEU A 271 -0.37 8.52 -8.53
C LEU A 271 0.18 7.09 -8.54
N GLU A 272 -0.72 6.11 -8.47
CA GLU A 272 -0.34 4.70 -8.42
C GLU A 272 0.78 4.24 -9.34
N PRO A 273 0.68 4.50 -10.64
CA PRO A 273 1.76 4.04 -11.53
C PRO A 273 3.15 4.56 -11.24
N ARG A 274 3.24 5.67 -10.51
CA ARG A 274 4.52 6.29 -10.20
C ARG A 274 5.26 5.70 -9.02
N VAL A 275 4.59 4.88 -8.23
CA VAL A 275 5.19 4.30 -7.04
C VAL A 275 6.51 3.57 -7.28
N ALA A 276 7.50 3.90 -6.45
CA ALA A 276 8.81 3.28 -6.57
C ALA A 276 8.79 1.80 -6.17
N THR A 277 9.61 0.99 -6.85
CA THR A 277 9.73 -0.42 -6.48
C THR A 277 10.77 -0.41 -5.35
N ARG A 278 10.97 -1.54 -4.70
CA ARG A 278 11.95 -1.61 -3.65
C ARG A 278 13.35 -1.40 -4.23
N TRP A 279 13.52 -1.74 -5.51
CA TRP A 279 14.82 -1.58 -6.17
C TRP A 279 15.11 -0.10 -6.40
N ASP A 280 14.08 0.68 -6.75
CA ASP A 280 14.27 2.12 -6.94
C ASP A 280 14.74 2.72 -5.62
N ILE A 281 14.16 2.27 -4.51
CA ILE A 281 14.52 2.83 -3.21
C ILE A 281 15.91 2.42 -2.75
N GLN A 282 16.32 1.18 -3.04
CA GLN A 282 17.66 0.76 -2.66
C GLN A 282 18.66 1.64 -3.41
N LYS A 283 18.37 1.96 -4.66
CA LYS A 283 19.27 2.83 -5.41
C LYS A 283 19.30 4.20 -4.75
N TYR A 284 18.13 4.67 -4.32
CA TYR A 284 18.02 5.96 -3.65
C TYR A 284 18.88 5.98 -2.39
N ALA A 285 18.73 4.95 -1.56
CA ALA A 285 19.49 4.85 -0.31
C ALA A 285 20.99 4.86 -0.56
N ARG A 286 21.43 4.09 -1.55
CA ARG A 286 22.84 4.03 -1.88
C ARG A 286 23.37 5.40 -2.29
N GLU A 287 22.66 6.10 -3.17
CA GLU A 287 23.08 7.44 -3.61
C GLU A 287 23.03 8.48 -2.49
N ALA A 288 22.06 8.32 -1.59
CA ALA A 288 21.90 9.22 -0.46
C ALA A 288 23.12 9.06 0.44
N TYR A 289 23.46 7.81 0.71
CA TYR A 289 24.62 7.47 1.51
C TYR A 289 25.87 8.08 0.87
N ASN A 290 26.07 7.82 -0.42
CA ASN A 290 27.23 8.33 -1.15
C ASN A 290 27.32 9.86 -1.10
N LEU A 291 26.18 10.51 -1.02
CA LEU A 291 26.12 11.96 -0.97
C LEU A 291 26.47 12.43 0.44
N GLY A 292 26.44 11.52 1.41
CA GLY A 292 26.77 11.91 2.76
C GLY A 292 25.55 12.06 3.65
N VAL A 293 24.39 11.64 3.14
CA VAL A 293 23.17 11.73 3.91
C VAL A 293 23.21 10.58 4.90
N ARG A 294 22.88 10.88 6.16
CA ARG A 294 22.90 9.87 7.21
C ARG A 294 21.55 9.62 7.88
N TYR A 295 20.60 10.50 7.61
CA TYR A 295 19.25 10.35 8.13
C TYR A 295 18.49 10.11 6.82
N ILE A 296 18.21 8.85 6.53
CA ILE A 296 17.58 8.48 5.27
C ILE A 296 16.18 7.93 5.45
N GLY A 297 15.20 8.72 5.05
CA GLY A 297 13.83 8.30 5.20
C GLY A 297 13.00 8.43 3.93
N GLY A 298 11.71 8.68 4.12
CA GLY A 298 10.80 8.82 3.00
C GLY A 298 9.55 9.54 3.43
N CYS A 299 8.80 10.02 2.45
CA CYS A 299 7.57 10.73 2.75
C CYS A 299 6.42 10.05 2.03
N CYS A 300 5.45 10.83 1.55
CA CYS A 300 4.30 10.27 0.84
C CYS A 300 4.64 9.21 -0.18
N GLY A 301 3.98 8.07 -0.06
CA GLY A 301 4.23 6.98 -1.00
C GLY A 301 5.03 5.86 -0.37
N PHE A 302 5.87 6.20 0.60
CA PHE A 302 6.68 5.19 1.27
C PHE A 302 5.85 4.28 2.16
N GLU A 303 5.90 3.00 1.87
CA GLU A 303 5.20 1.99 2.66
C GLU A 303 6.31 1.25 3.43
N PRO A 304 5.94 0.34 4.34
CA PRO A 304 6.97 -0.37 5.09
C PRO A 304 8.05 -1.07 4.24
N TYR A 305 7.65 -1.72 3.15
CA TYR A 305 8.66 -2.41 2.35
C TYR A 305 9.64 -1.43 1.72
N HIS A 306 9.23 -0.18 1.53
CA HIS A 306 10.15 0.79 0.97
C HIS A 306 11.22 1.13 2.03
N ILE A 307 10.81 1.20 3.28
CA ILE A 307 11.75 1.50 4.36
C ILE A 307 12.71 0.32 4.53
N ARG A 308 12.19 -0.88 4.41
CA ARG A 308 13.03 -2.07 4.54
C ARG A 308 14.07 -2.07 3.42
N ALA A 309 13.68 -1.54 2.26
CA ALA A 309 14.60 -1.47 1.13
C ALA A 309 15.81 -0.62 1.50
N ILE A 310 15.58 0.44 2.27
CA ILE A 310 16.67 1.32 2.70
C ILE A 310 17.60 0.52 3.62
N ALA A 311 16.98 -0.24 4.52
CA ALA A 311 17.66 -1.08 5.49
C ALA A 311 18.52 -2.19 4.89
N GLU A 312 17.96 -2.93 3.94
CA GLU A 312 18.70 -4.02 3.33
C GLU A 312 19.85 -3.48 2.48
N GLU A 313 19.57 -2.45 1.69
CA GLU A 313 20.60 -1.85 0.84
C GLU A 313 21.82 -1.34 1.61
N LEU A 314 21.60 -0.85 2.82
CA LEU A 314 22.69 -0.31 3.61
C LEU A 314 23.07 -1.23 4.77
N ALA A 315 22.67 -2.49 4.69
CA ALA A 315 23.00 -3.46 5.71
C ALA A 315 24.52 -3.50 5.88
N PRO A 316 25.27 -3.56 4.77
CA PRO A 316 26.74 -3.61 4.86
C PRO A 316 27.35 -2.41 5.57
N GLU A 317 26.74 -1.24 5.40
CA GLU A 317 27.27 -0.03 6.00
C GLU A 317 26.79 0.13 7.43
N ARG A 318 25.68 -0.54 7.78
CA ARG A 318 25.16 -0.42 9.14
C ARG A 318 25.71 -1.54 9.98
N GLY A 319 25.49 -2.77 9.53
CA GLY A 319 26.01 -3.90 10.29
C GLY A 319 24.99 -4.99 10.55
N PHE A 320 23.72 -4.71 10.26
CA PHE A 320 22.66 -5.71 10.47
C PHE A 320 21.49 -5.53 9.50
N LEU A 321 20.52 -6.42 9.64
CA LEU A 321 19.31 -6.40 8.83
C LEU A 321 18.11 -6.21 9.75
N PRO A 322 17.07 -5.51 9.28
CA PRO A 322 15.89 -5.32 10.13
C PRO A 322 15.05 -6.60 10.23
N PRO A 323 14.17 -6.68 11.24
CA PRO A 323 13.34 -7.86 11.43
C PRO A 323 12.41 -8.26 10.28
N ALA A 324 12.03 -7.29 9.44
CA ALA A 324 11.15 -7.57 8.32
C ALA A 324 11.88 -8.36 7.23
N SER A 325 13.21 -8.31 7.25
CA SER A 325 14.01 -9.02 6.26
C SER A 325 13.85 -10.53 6.44
N GLU A 326 13.18 -10.93 7.50
CA GLU A 326 12.94 -12.34 7.77
C GLU A 326 11.84 -12.85 6.84
N LYS A 327 11.20 -11.93 6.15
CA LYS A 327 10.12 -12.24 5.21
C LYS A 327 10.50 -11.82 3.79
N HIS A 328 11.78 -11.52 3.61
CA HIS A 328 12.32 -11.08 2.32
C HIS A 328 13.76 -11.56 2.32
N GLY A 329 14.53 -11.02 3.27
CA GLY A 329 15.93 -11.37 3.44
C GLY A 329 16.69 -11.53 2.14
N SER A 330 16.74 -12.77 1.67
CA SER A 330 17.42 -13.11 0.42
C SER A 330 17.13 -12.02 -0.62
N TRP A 331 18.16 -11.26 -0.97
CA TRP A 331 18.02 -10.20 -1.95
C TRP A 331 17.49 -10.74 -3.27
N GLY A 332 16.18 -10.70 -3.45
CA GLY A 332 15.56 -11.19 -4.66
C GLY A 332 15.62 -12.71 -4.80
N SER A 333 16.50 -13.35 -4.04
CA SER A 333 16.65 -14.80 -4.09
C SER A 333 15.54 -15.56 -3.36
N GLY A 334 14.51 -14.84 -2.94
CA GLY A 334 13.40 -15.46 -2.25
C GLY A 334 12.56 -16.26 -3.24
N LEU A 335 12.73 -15.98 -4.52
CA LEU A 335 11.99 -16.67 -5.58
C LEU A 335 12.43 -18.13 -5.73
N ASP A 336 13.53 -18.50 -5.08
CA ASP A 336 14.03 -19.87 -5.14
C ASP A 336 13.00 -20.85 -4.62
N MET A 337 12.10 -20.37 -3.76
CA MET A 337 11.05 -21.21 -3.22
C MET A 337 9.76 -21.05 -4.02
N HIS A 338 9.90 -20.66 -5.28
CA HIS A 338 8.72 -20.48 -6.11
C HIS A 338 8.39 -21.74 -6.90
N THR A 339 7.10 -22.07 -6.92
CA THR A 339 6.59 -23.26 -7.60
C THR A 339 6.67 -23.18 -9.13
N LYS A 340 7.04 -22.01 -9.65
CA LYS A 340 7.16 -21.83 -11.10
C LYS A 340 8.61 -21.54 -11.48
N PRO A 341 9.11 -22.18 -12.56
CA PRO A 341 10.47 -22.01 -13.06
C PRO A 341 10.88 -20.58 -13.40
N TRP A 342 10.11 -19.93 -14.29
CA TRP A 342 10.42 -18.57 -14.71
C TRP A 342 10.61 -17.59 -13.57
N VAL A 343 9.81 -17.71 -12.53
CA VAL A 343 9.92 -16.82 -11.39
C VAL A 343 11.25 -17.07 -10.68
N ARG A 344 11.65 -18.34 -10.61
CA ARG A 344 12.90 -18.73 -9.97
C ARG A 344 14.13 -18.13 -10.66
N ALA A 345 14.03 -17.89 -11.97
CA ALA A 345 15.14 -17.33 -12.72
C ALA A 345 15.37 -15.87 -12.36
N ARG A 346 14.42 -15.28 -11.63
CA ARG A 346 14.51 -13.88 -11.23
C ARG A 346 14.99 -13.75 -9.79
N ALA A 347 15.75 -14.74 -9.32
CA ALA A 347 16.25 -14.72 -7.96
C ALA A 347 17.65 -14.13 -7.88
N ARG A 348 18.01 -13.34 -8.89
CA ARG A 348 19.32 -12.68 -8.95
C ARG A 348 19.12 -11.19 -8.68
N LYS A 349 19.89 -10.64 -7.75
CA LYS A 349 19.75 -9.24 -7.40
C LYS A 349 20.01 -8.26 -8.55
N GLU A 350 20.93 -8.61 -9.45
CA GLU A 350 21.22 -7.72 -10.58
C GLU A 350 20.12 -7.78 -11.62
N TYR A 351 19.27 -8.80 -11.54
CA TYR A 351 18.17 -8.94 -12.48
C TYR A 351 17.18 -7.81 -12.19
N TRP A 352 16.77 -7.72 -10.94
CA TRP A 352 15.83 -6.69 -10.53
C TRP A 352 16.37 -5.28 -10.64
N GLU A 353 17.69 -5.11 -10.47
CA GLU A 353 18.24 -3.76 -10.55
C GLU A 353 18.54 -3.27 -11.97
N ASN A 354 18.42 -4.16 -12.94
CA ASN A 354 18.64 -3.77 -14.33
C ASN A 354 17.33 -3.75 -15.11
N LEU A 355 16.29 -4.34 -14.53
CA LEU A 355 14.99 -4.44 -15.20
C LEU A 355 14.24 -3.14 -15.37
N ARG A 356 13.89 -2.83 -16.62
CA ARG A 356 13.10 -1.64 -16.92
C ARG A 356 11.65 -2.15 -16.94
N ILE A 357 11.00 -2.03 -15.79
CA ILE A 357 9.64 -2.50 -15.63
C ILE A 357 8.64 -1.76 -16.52
N ALA A 358 7.64 -2.49 -16.99
CA ALA A 358 6.59 -1.95 -17.84
C ALA A 358 5.53 -1.31 -16.96
N SER A 359 4.89 -0.26 -17.49
CA SER A 359 3.85 0.42 -16.74
C SER A 359 2.55 -0.36 -16.77
N GLY A 360 2.37 -1.19 -17.80
CA GLY A 360 1.15 -1.97 -17.92
C GLY A 360 -0.03 -1.16 -18.42
N ARG A 361 0.23 0.10 -18.80
CA ARG A 361 -0.82 1.00 -19.30
C ARG A 361 -0.38 1.61 -20.63
N PRO A 362 -0.43 0.82 -21.71
CA PRO A 362 -0.03 1.30 -23.03
C PRO A 362 -0.90 2.40 -23.64
N TYR A 363 -2.11 2.56 -23.12
CA TYR A 363 -3.02 3.58 -23.62
C TYR A 363 -2.89 4.88 -22.83
N ASN A 364 -1.90 4.93 -21.95
CA ASN A 364 -1.65 6.10 -21.10
C ASN A 364 -0.28 6.70 -21.40
N PRO A 365 -0.10 8.00 -21.11
CA PRO A 365 1.19 8.68 -21.35
C PRO A 365 2.17 8.34 -20.22
N SER A 366 3.44 8.70 -20.40
CA SER A 366 4.46 8.41 -19.40
C SER A 366 4.71 9.64 -18.53
N MET A 367 4.23 10.79 -18.97
CA MET A 367 4.38 12.04 -18.22
C MET A 367 3.18 12.93 -18.46
N SER A 368 2.93 13.82 -17.51
CA SER A 368 1.81 14.75 -17.65
C SER A 368 2.35 16.15 -17.39
N LYS A 369 1.58 17.15 -17.77
CA LYS A 369 1.99 18.53 -17.57
C LYS A 369 1.36 19.11 -16.33
N PRO A 370 2.17 19.73 -15.46
CA PRO A 370 1.69 20.34 -14.21
C PRO A 370 0.58 21.34 -14.48
N ASP A 371 -0.40 21.39 -13.60
CA ASP A 371 -1.51 22.34 -13.72
C ASP A 371 -1.02 23.68 -13.18
N LYS B 11 -27.58 -13.74 7.86
CA LYS B 11 -27.73 -14.01 6.40
C LYS B 11 -26.48 -14.69 5.85
N GLY B 12 -26.63 -15.95 5.45
CA GLY B 12 -25.52 -16.70 4.91
C GLY B 12 -25.14 -16.21 3.54
N ILE B 13 -24.08 -16.79 2.97
CA ILE B 13 -23.62 -16.37 1.65
C ILE B 13 -24.67 -16.58 0.57
N LEU B 14 -25.30 -17.74 0.56
CA LEU B 14 -26.32 -18.04 -0.45
C LEU B 14 -27.59 -17.23 -0.21
N GLU B 15 -27.86 -16.89 1.04
CA GLU B 15 -29.04 -16.08 1.36
C GLU B 15 -28.91 -14.76 0.63
N ARG B 16 -27.95 -13.96 1.08
CA ARG B 16 -27.70 -12.65 0.49
C ARG B 16 -27.78 -12.71 -1.04
N LEU B 17 -27.02 -13.63 -1.62
CA LEU B 17 -27.00 -13.78 -3.07
C LEU B 17 -28.37 -14.05 -3.67
N ASN B 18 -29.06 -15.07 -3.16
CA ASN B 18 -30.38 -15.38 -3.67
C ASN B 18 -31.29 -14.16 -3.60
N ALA B 19 -31.19 -13.40 -2.51
CA ALA B 19 -32.00 -12.21 -2.35
C ALA B 19 -31.58 -11.14 -3.36
N GLY B 20 -30.59 -11.46 -4.18
CA GLY B 20 -30.12 -10.54 -5.18
C GLY B 20 -29.19 -9.46 -4.66
N GLU B 21 -28.59 -9.69 -3.49
CA GLU B 21 -27.70 -8.72 -2.90
C GLU B 21 -26.29 -8.80 -3.49
N ILE B 22 -25.57 -7.68 -3.39
CA ILE B 22 -24.19 -7.60 -3.89
C ILE B 22 -23.24 -7.87 -2.73
N VAL B 23 -22.53 -9.00 -2.81
CA VAL B 23 -21.58 -9.37 -1.76
C VAL B 23 -20.18 -8.90 -2.14
N ILE B 24 -19.59 -8.06 -1.29
CA ILE B 24 -18.25 -7.56 -1.54
C ILE B 24 -17.20 -8.43 -0.88
N GLY B 25 -16.21 -8.85 -1.66
CA GLY B 25 -15.15 -9.68 -1.13
C GLY B 25 -14.06 -8.85 -0.50
N ASP B 26 -13.08 -9.53 0.10
CA ASP B 26 -11.96 -8.82 0.69
C ASP B 26 -10.83 -8.78 -0.33
N GLY B 27 -9.68 -8.20 0.04
CA GLY B 27 -8.60 -8.08 -0.91
C GLY B 27 -7.58 -9.21 -0.99
N GLY B 28 -6.36 -8.84 -1.37
CA GLY B 28 -5.28 -9.82 -1.49
C GLY B 28 -4.40 -9.77 -0.27
N PHE B 29 -4.56 -10.75 0.61
CA PHE B 29 -3.78 -10.80 1.84
C PHE B 29 -2.28 -11.02 1.71
N VAL B 30 -1.85 -12.01 0.93
CA VAL B 30 -0.41 -12.26 0.82
C VAL B 30 0.40 -11.14 0.20
N PHE B 31 -0.14 -10.49 -0.82
CA PHE B 31 0.60 -9.39 -1.43
C PHE B 31 0.62 -8.21 -0.48
N ALA B 32 -0.50 -8.00 0.21
CA ALA B 32 -0.64 -6.89 1.15
C ALA B 32 0.28 -7.04 2.36
N LEU B 33 0.34 -8.26 2.91
CA LEU B 33 1.17 -8.53 4.08
C LEU B 33 2.65 -8.56 3.73
N GLU B 34 2.97 -9.04 2.53
CA GLU B 34 4.36 -9.10 2.09
C GLU B 34 4.88 -7.68 2.15
N LYS B 35 4.09 -6.74 1.61
CA LYS B 35 4.45 -5.32 1.61
C LYS B 35 4.65 -4.80 3.03
N ARG B 36 3.79 -5.25 3.95
CA ARG B 36 3.87 -4.79 5.34
C ARG B 36 4.93 -5.51 6.17
N GLY B 37 5.52 -6.57 5.62
CA GLY B 37 6.57 -7.30 6.30
C GLY B 37 6.21 -8.56 7.08
N TYR B 38 5.17 -9.26 6.67
CA TYR B 38 4.77 -10.47 7.39
C TYR B 38 4.71 -11.74 6.54
N VAL B 39 4.86 -11.60 5.23
CA VAL B 39 4.81 -12.74 4.32
C VAL B 39 6.07 -12.80 3.45
N LYS B 40 6.41 -14.01 3.02
CA LYS B 40 7.59 -14.19 2.19
C LYS B 40 7.26 -14.49 0.72
N ALA B 41 7.70 -13.60 -0.16
CA ALA B 41 7.46 -13.74 -1.60
C ALA B 41 8.22 -14.96 -2.12
N GLY B 42 7.48 -15.85 -2.76
CA GLY B 42 8.06 -17.07 -3.28
C GLY B 42 7.20 -18.17 -2.69
N PRO B 43 7.31 -18.41 -1.37
CA PRO B 43 6.52 -19.43 -0.66
C PRO B 43 5.09 -18.91 -0.49
N TRP B 44 5.00 -17.62 -0.20
CA TRP B 44 3.72 -16.94 0.02
C TRP B 44 2.85 -17.61 1.08
N THR B 45 3.50 -18.12 2.14
CA THR B 45 2.81 -18.82 3.23
C THR B 45 2.16 -17.91 4.27
N PRO B 46 1.03 -18.32 4.84
CA PRO B 46 0.28 -17.56 5.85
C PRO B 46 0.72 -17.80 7.30
N GLU B 47 1.98 -18.15 7.49
CA GLU B 47 2.53 -18.42 8.82
C GLU B 47 2.36 -17.25 9.79
N ALA B 48 2.06 -16.05 9.28
CA ALA B 48 1.89 -14.87 10.12
C ALA B 48 0.63 -14.96 10.98
N ALA B 49 -0.30 -15.81 10.57
CA ALA B 49 -1.55 -16.00 11.28
C ALA B 49 -1.33 -16.39 12.73
N VAL B 50 -0.16 -16.97 13.02
CA VAL B 50 0.18 -17.39 14.37
C VAL B 50 1.35 -16.57 14.93
N GLU B 51 2.17 -16.04 14.04
CA GLU B 51 3.33 -15.23 14.42
C GLU B 51 3.01 -13.77 14.71
N HIS B 52 2.08 -13.21 13.94
CA HIS B 52 1.68 -11.81 14.10
C HIS B 52 0.20 -11.71 13.77
N PRO B 53 -0.67 -12.12 14.70
CA PRO B 53 -2.12 -12.10 14.54
C PRO B 53 -2.69 -10.70 14.35
N GLU B 54 -2.18 -9.75 15.13
CA GLU B 54 -2.67 -8.38 15.05
C GLU B 54 -2.41 -7.78 13.66
N ALA B 55 -1.38 -8.26 12.99
CA ALA B 55 -1.07 -7.77 11.65
C ALA B 55 -2.16 -8.29 10.72
N VAL B 56 -2.45 -9.59 10.83
CA VAL B 56 -3.48 -10.23 10.02
C VAL B 56 -4.85 -9.68 10.41
N ARG B 57 -5.02 -9.43 11.70
CA ARG B 57 -6.28 -8.92 12.23
C ARG B 57 -6.55 -7.51 11.71
N GLN B 58 -5.54 -6.65 11.75
CA GLN B 58 -5.69 -5.27 11.28
C GLN B 58 -6.06 -5.21 9.81
N LEU B 59 -5.46 -6.08 9.01
CA LEU B 59 -5.76 -6.11 7.59
C LEU B 59 -7.23 -6.50 7.38
N HIS B 60 -7.67 -7.55 8.09
CA HIS B 60 -9.06 -8.01 8.01
C HIS B 60 -9.97 -6.83 8.35
N ARG B 61 -9.67 -6.16 9.45
CA ARG B 61 -10.46 -5.02 9.89
C ARG B 61 -10.51 -3.92 8.83
N GLU B 62 -9.37 -3.61 8.22
CA GLU B 62 -9.33 -2.59 7.19
C GLU B 62 -10.27 -3.00 6.05
N PHE B 63 -10.24 -4.27 5.67
CA PHE B 63 -11.12 -4.72 4.60
C PHE B 63 -12.58 -4.64 5.04
N LEU B 64 -12.85 -5.03 6.28
CA LEU B 64 -14.21 -4.97 6.81
C LEU B 64 -14.69 -3.53 6.78
N ARG B 65 -13.85 -2.62 7.25
CA ARG B 65 -14.16 -1.19 7.28
C ARG B 65 -14.34 -0.63 5.87
N ALA B 66 -13.69 -1.26 4.90
CA ALA B 66 -13.78 -0.81 3.50
C ALA B 66 -15.06 -1.30 2.85
N GLY B 67 -15.73 -2.28 3.48
CA GLY B 67 -16.97 -2.78 2.94
C GLY B 67 -17.05 -4.28 2.66
N SER B 68 -15.97 -5.02 2.90
CA SER B 68 -16.00 -6.46 2.64
C SER B 68 -17.06 -7.20 3.47
N ASN B 69 -17.74 -8.15 2.84
CA ASN B 69 -18.77 -8.95 3.49
C ASN B 69 -18.23 -10.35 3.76
N VAL B 70 -16.98 -10.58 3.37
CA VAL B 70 -16.32 -11.88 3.54
C VAL B 70 -14.89 -11.75 4.02
N MET B 71 -14.59 -12.40 5.14
CA MET B 71 -13.23 -12.38 5.68
C MET B 71 -12.63 -13.75 5.35
N GLN B 72 -11.96 -13.86 4.21
CA GLN B 72 -11.35 -15.13 3.83
C GLN B 72 -10.27 -15.46 4.85
N THR B 73 -10.25 -16.71 5.30
CA THR B 73 -9.27 -17.13 6.29
C THR B 73 -7.90 -17.09 5.65
N PHE B 74 -6.94 -16.47 6.33
CA PHE B 74 -5.58 -16.37 5.81
C PHE B 74 -4.99 -17.78 5.74
N THR B 75 -5.48 -18.56 4.78
CA THR B 75 -5.03 -19.92 4.61
C THR B 75 -4.57 -20.29 3.20
N PHE B 76 -4.30 -19.28 2.37
CA PHE B 76 -3.81 -19.54 1.01
C PHE B 76 -2.58 -20.42 1.21
N TYR B 77 -2.55 -21.57 0.53
CA TYR B 77 -1.46 -22.52 0.70
C TYR B 77 -1.52 -23.00 2.14
N ALA B 78 -0.52 -23.78 2.57
CA ALA B 78 -0.52 -24.29 3.94
C ALA B 78 -1.88 -24.91 4.29
N SER B 79 -2.48 -24.46 5.38
CA SER B 79 -3.78 -24.96 5.83
C SER B 79 -4.32 -24.23 7.06
N GLU B 101 -4.12 -21.87 10.82
CA GLU B 101 -4.24 -22.36 12.22
C GLU B 101 -5.16 -21.40 13.01
N ALA B 102 -4.56 -20.37 13.60
CA ALA B 102 -5.30 -19.38 14.36
C ALA B 102 -5.91 -18.38 13.38
N ALA B 103 -5.65 -18.59 12.09
CA ALA B 103 -6.18 -17.71 11.06
C ALA B 103 -7.70 -17.66 11.12
N ALA B 104 -8.32 -18.84 11.04
CA ALA B 104 -9.77 -18.95 11.09
C ALA B 104 -10.38 -18.19 12.29
N ASP B 105 -9.68 -18.19 13.42
CA ASP B 105 -10.17 -17.49 14.60
C ASP B 105 -10.22 -16.00 14.33
N ILE B 106 -9.08 -15.45 13.90
CA ILE B 106 -8.97 -14.03 13.59
C ILE B 106 -10.07 -13.61 12.63
N ALA B 107 -10.22 -14.37 11.55
CA ALA B 107 -11.25 -14.08 10.56
C ALA B 107 -12.63 -14.05 11.21
N ARG B 108 -12.87 -15.01 12.12
CA ARG B 108 -14.14 -15.10 12.83
C ARG B 108 -14.37 -13.87 13.69
N GLN B 109 -13.36 -13.51 14.48
CA GLN B 109 -13.44 -12.36 15.36
C GLN B 109 -13.75 -11.04 14.67
N VAL B 110 -13.16 -10.81 13.50
CA VAL B 110 -13.39 -9.57 12.77
C VAL B 110 -14.75 -9.57 12.08
N ALA B 111 -15.16 -10.71 11.53
CA ALA B 111 -16.45 -10.78 10.87
C ALA B 111 -17.53 -10.43 11.89
N ASP B 112 -17.28 -10.84 13.13
CA ASP B 112 -18.19 -10.59 14.24
C ASP B 112 -18.34 -9.10 14.53
N GLU B 113 -17.39 -8.31 14.03
CA GLU B 113 -17.42 -6.87 14.26
C GLU B 113 -18.20 -6.10 13.20
N GLY B 114 -18.81 -6.83 12.27
CA GLY B 114 -19.60 -6.20 11.22
C GLY B 114 -20.45 -7.19 10.44
N ASP B 115 -21.08 -6.72 9.37
CA ASP B 115 -21.92 -7.55 8.52
C ASP B 115 -21.02 -8.39 7.63
N ALA B 116 -20.41 -9.42 8.21
CA ALA B 116 -19.47 -10.25 7.46
C ALA B 116 -19.50 -11.74 7.80
N LEU B 117 -19.05 -12.55 6.85
CA LEU B 117 -19.00 -14.01 6.99
C LEU B 117 -17.56 -14.49 6.84
N VAL B 118 -17.26 -15.64 7.43
CA VAL B 118 -15.92 -16.22 7.34
C VAL B 118 -15.88 -17.26 6.23
N ALA B 119 -14.82 -17.25 5.43
CA ALA B 119 -14.72 -18.20 4.34
C ALA B 119 -13.45 -19.04 4.44
N GLY B 120 -13.64 -20.36 4.46
CA GLY B 120 -12.50 -21.26 4.52
C GLY B 120 -12.07 -21.51 3.09
N GLY B 121 -10.81 -21.20 2.78
CA GLY B 121 -10.33 -21.40 1.43
C GLY B 121 -9.19 -22.37 1.27
N VAL B 122 -9.18 -23.05 0.13
CA VAL B 122 -8.16 -24.01 -0.20
C VAL B 122 -7.73 -23.70 -1.64
N SER B 123 -6.42 -23.73 -1.89
CA SER B 123 -5.92 -23.43 -3.21
C SER B 123 -5.25 -24.64 -3.85
N GLN B 124 -4.96 -24.55 -5.15
CA GLN B 124 -4.33 -25.66 -5.84
C GLN B 124 -3.16 -26.13 -5.00
N THR B 125 -2.93 -27.45 -4.99
CA THR B 125 -1.86 -28.01 -4.21
C THR B 125 -0.57 -28.16 -5.01
N PRO B 126 0.58 -28.06 -4.32
CA PRO B 126 1.88 -28.21 -5.01
C PRO B 126 2.02 -29.71 -5.32
N SER B 127 1.06 -30.48 -4.81
CA SER B 127 1.02 -31.93 -5.00
C SER B 127 0.61 -32.22 -6.45
N TYR B 128 -0.43 -31.54 -6.91
CA TYR B 128 -0.88 -31.72 -8.29
C TYR B 128 0.22 -31.11 -9.15
N LEU B 129 0.93 -30.14 -8.57
CA LEU B 129 2.05 -29.48 -9.24
C LEU B 129 2.97 -30.63 -9.65
N SER B 130 3.38 -31.42 -8.67
CA SER B 130 4.24 -32.57 -8.88
C SER B 130 3.33 -33.75 -9.25
N ALA B 131 2.27 -33.44 -9.99
CA ALA B 131 1.28 -34.41 -10.43
C ALA B 131 0.60 -35.05 -9.22
N LYS B 132 1.00 -36.26 -8.90
CA LYS B 132 0.44 -36.99 -7.77
C LYS B 132 -1.08 -37.13 -7.89
N SER B 133 -1.52 -38.38 -7.96
CA SER B 133 -2.93 -38.78 -8.09
C SER B 133 -3.99 -37.96 -7.37
N GLU B 134 -5.22 -38.47 -7.48
CA GLU B 134 -6.41 -37.87 -6.89
C GLU B 134 -6.45 -38.14 -5.39
N THR B 135 -5.88 -39.26 -4.98
CA THR B 135 -5.85 -39.63 -3.56
C THR B 135 -5.07 -38.64 -2.71
N GLU B 136 -3.82 -38.39 -3.09
CA GLU B 136 -2.95 -37.47 -2.35
C GLU B 136 -3.51 -36.05 -2.28
N VAL B 137 -4.02 -35.55 -3.40
CA VAL B 137 -4.56 -34.19 -3.43
C VAL B 137 -5.73 -34.03 -2.45
N LYS B 138 -6.77 -34.86 -2.62
CA LYS B 138 -7.94 -34.80 -1.74
C LYS B 138 -7.56 -35.03 -0.28
N LYS B 139 -6.33 -35.44 -0.05
CA LYS B 139 -5.84 -35.68 1.30
C LYS B 139 -5.43 -34.33 1.88
N VAL B 140 -4.74 -33.55 1.06
CA VAL B 140 -4.31 -32.22 1.47
C VAL B 140 -5.56 -31.41 1.79
N PHE B 141 -6.48 -31.38 0.84
CA PHE B 141 -7.72 -30.63 0.98
C PHE B 141 -8.53 -31.06 2.20
N LEU B 142 -8.70 -32.37 2.35
CA LEU B 142 -9.47 -32.91 3.47
C LEU B 142 -8.97 -32.43 4.83
N GLN B 143 -7.65 -32.34 4.99
CA GLN B 143 -7.07 -31.88 6.24
C GLN B 143 -7.51 -30.47 6.56
N GLN B 144 -7.54 -29.62 5.53
CA GLN B 144 -7.95 -28.23 5.69
C GLN B 144 -9.45 -28.11 5.95
N LEU B 145 -10.23 -28.92 5.23
CA LEU B 145 -11.68 -28.88 5.38
C LEU B 145 -12.11 -29.26 6.79
N GLU B 146 -11.37 -30.17 7.41
CA GLU B 146 -11.67 -30.62 8.77
C GLU B 146 -11.42 -29.48 9.74
N VAL B 147 -10.44 -28.65 9.43
CA VAL B 147 -10.10 -27.51 10.24
C VAL B 147 -11.25 -26.52 10.19
N PHE B 148 -11.64 -26.15 8.96
CA PHE B 148 -12.74 -25.22 8.76
C PHE B 148 -13.99 -25.92 9.26
N MET B 149 -13.92 -27.24 9.32
CA MET B 149 -15.03 -28.06 9.77
C MET B 149 -15.14 -27.82 11.28
N LYS B 150 -13.99 -27.91 11.95
CA LYS B 150 -13.93 -27.74 13.39
C LYS B 150 -14.20 -26.32 13.87
N LYS B 151 -13.82 -25.30 13.09
CA LYS B 151 -14.08 -23.92 13.51
C LYS B 151 -15.36 -23.35 12.91
N ASN B 152 -16.13 -24.21 12.27
CA ASN B 152 -17.41 -23.83 11.68
C ASN B 152 -17.40 -22.54 10.85
N VAL B 153 -16.82 -22.58 9.65
CA VAL B 153 -16.81 -21.41 8.79
C VAL B 153 -18.16 -21.30 8.09
N ASP B 154 -18.50 -20.10 7.61
CA ASP B 154 -19.77 -19.90 6.93
C ASP B 154 -19.89 -20.61 5.58
N PHE B 155 -18.83 -20.54 4.78
CA PHE B 155 -18.83 -21.23 3.49
C PHE B 155 -17.39 -21.49 3.07
N LEU B 156 -17.20 -22.19 1.95
CA LEU B 156 -15.86 -22.52 1.49
C LEU B 156 -15.49 -21.97 0.11
N ILE B 157 -14.20 -21.82 -0.12
CA ILE B 157 -13.71 -21.30 -1.39
C ILE B 157 -12.60 -22.13 -1.99
N ALA B 158 -12.89 -22.77 -3.12
CA ALA B 158 -11.90 -23.56 -3.86
C ALA B 158 -11.21 -22.45 -4.64
N GLU B 159 -10.05 -22.04 -4.17
CA GLU B 159 -9.34 -20.91 -4.76
C GLU B 159 -8.01 -21.12 -5.48
N TYR B 160 -7.74 -20.25 -6.44
CA TYR B 160 -6.49 -20.28 -7.21
C TYR B 160 -6.15 -21.64 -7.83
N PHE B 161 -7.02 -22.13 -8.71
CA PHE B 161 -6.80 -23.41 -9.39
C PHE B 161 -6.55 -23.16 -10.87
N GLU B 162 -5.44 -23.68 -11.38
CA GLU B 162 -5.08 -23.51 -12.78
C GLU B 162 -5.54 -24.65 -13.69
N HIS B 163 -6.03 -25.72 -13.08
CA HIS B 163 -6.53 -26.88 -13.85
C HIS B 163 -7.94 -27.20 -13.38
N VAL B 164 -8.86 -27.32 -14.32
CA VAL B 164 -10.26 -27.60 -14.01
C VAL B 164 -10.42 -28.91 -13.22
N GLU B 165 -9.60 -29.90 -13.56
CA GLU B 165 -9.65 -31.20 -12.90
C GLU B 165 -9.33 -31.15 -11.40
N GLU B 166 -8.24 -30.48 -11.04
CA GLU B 166 -7.86 -30.36 -9.63
C GLU B 166 -8.87 -29.51 -8.87
N ALA B 167 -9.43 -28.52 -9.56
CA ALA B 167 -10.42 -27.65 -8.95
C ALA B 167 -11.66 -28.47 -8.67
N VAL B 168 -11.99 -29.38 -9.59
CA VAL B 168 -13.15 -30.25 -9.46
C VAL B 168 -13.06 -31.12 -8.21
N TRP B 169 -11.92 -31.77 -8.02
CA TRP B 169 -11.73 -32.64 -6.86
C TRP B 169 -11.92 -31.85 -5.57
N ALA B 170 -11.38 -30.63 -5.54
CA ALA B 170 -11.50 -29.79 -4.36
C ALA B 170 -12.97 -29.57 -4.05
N VAL B 171 -13.73 -29.15 -5.06
CA VAL B 171 -15.16 -28.91 -4.89
C VAL B 171 -15.87 -30.13 -4.36
N GLU B 172 -15.53 -31.30 -4.89
CA GLU B 172 -16.14 -32.56 -4.49
C GLU B 172 -15.93 -32.83 -3.00
N THR B 173 -14.75 -32.50 -2.48
CA THR B 173 -14.45 -32.71 -1.07
C THR B 173 -15.16 -31.70 -0.19
N LEU B 174 -15.19 -30.45 -0.65
CA LEU B 174 -15.80 -29.37 0.10
C LEU B 174 -17.32 -29.51 0.24
N ILE B 175 -18.01 -29.80 -0.87
CA ILE B 175 -19.46 -29.94 -0.83
C ILE B 175 -19.86 -30.99 0.21
N ALA B 176 -18.95 -31.92 0.49
CA ALA B 176 -19.20 -32.98 1.46
C ALA B 176 -19.02 -32.47 2.88
N SER B 177 -19.53 -31.26 3.15
CA SER B 177 -19.43 -30.68 4.47
C SER B 177 -20.72 -29.92 4.78
N GLY B 178 -21.57 -29.80 3.76
CA GLY B 178 -22.83 -29.10 3.92
C GLY B 178 -22.75 -27.62 3.61
N LYS B 179 -21.63 -27.00 3.97
CA LYS B 179 -21.42 -25.57 3.74
C LYS B 179 -21.39 -25.28 2.24
N PRO B 180 -21.89 -24.09 1.84
CA PRO B 180 -21.89 -23.73 0.42
C PRO B 180 -20.45 -23.62 -0.08
N VAL B 181 -20.21 -23.97 -1.35
CA VAL B 181 -18.87 -23.89 -1.90
C VAL B 181 -18.76 -22.95 -3.11
N ALA B 182 -17.73 -22.12 -3.08
CA ALA B 182 -17.47 -21.19 -4.18
C ALA B 182 -16.19 -21.69 -4.84
N ALA B 183 -16.16 -21.62 -6.17
CA ALA B 183 -14.97 -22.08 -6.89
C ALA B 183 -14.61 -21.09 -8.00
N THR B 184 -13.37 -20.63 -7.98
CA THR B 184 -12.89 -19.69 -8.98
C THR B 184 -11.59 -20.20 -9.56
N MET B 185 -11.42 -20.03 -10.87
CA MET B 185 -10.24 -20.49 -11.58
C MET B 185 -9.21 -19.40 -11.83
N ALA B 186 -7.94 -19.77 -11.79
CA ALA B 186 -6.87 -18.83 -12.07
C ALA B 186 -6.55 -19.01 -13.55
N ILE B 187 -7.55 -18.75 -14.39
CA ILE B 187 -7.39 -18.88 -15.83
C ILE B 187 -8.03 -17.70 -16.54
N GLY B 188 -7.63 -17.47 -17.79
CA GLY B 188 -8.18 -16.39 -18.57
C GLY B 188 -9.06 -16.91 -19.69
N PRO B 189 -9.42 -16.07 -20.67
CA PRO B 189 -10.27 -16.43 -21.80
C PRO B 189 -9.87 -17.72 -22.54
N GLU B 190 -8.58 -18.02 -22.56
CA GLU B 190 -8.10 -19.21 -23.26
C GLU B 190 -8.30 -20.51 -22.48
N GLY B 191 -8.78 -20.40 -21.24
CA GLY B 191 -9.02 -21.60 -20.43
C GLY B 191 -7.88 -22.02 -19.53
N ASP B 192 -8.05 -23.18 -18.89
CA ASP B 192 -7.04 -23.70 -17.96
C ASP B 192 -5.77 -24.19 -18.64
N LEU B 193 -4.78 -24.56 -17.84
CA LEU B 193 -3.51 -25.03 -18.36
C LEU B 193 -3.53 -26.42 -18.98
N HIS B 194 -4.73 -26.88 -19.34
CA HIS B 194 -4.88 -28.17 -19.97
C HIS B 194 -5.60 -27.98 -21.29
N GLY B 195 -6.06 -26.75 -21.55
CA GLY B 195 -6.76 -26.46 -22.78
C GLY B 195 -8.27 -26.38 -22.60
N VAL B 196 -8.71 -26.56 -21.36
CA VAL B 196 -10.14 -26.53 -21.05
C VAL B 196 -10.72 -25.12 -21.06
N PRO B 197 -11.67 -24.86 -21.97
CA PRO B 197 -12.33 -23.55 -22.12
C PRO B 197 -13.04 -23.14 -20.82
N PRO B 198 -13.16 -21.83 -20.58
CA PRO B 198 -13.82 -21.28 -19.38
C PRO B 198 -15.26 -21.74 -19.24
N GLY B 199 -15.99 -21.75 -20.35
CA GLY B 199 -17.37 -22.19 -20.33
C GLY B 199 -17.49 -23.62 -19.81
N GLU B 200 -16.74 -24.52 -20.43
CA GLU B 200 -16.75 -25.93 -20.03
C GLU B 200 -16.24 -26.04 -18.60
N ALA B 201 -15.18 -25.29 -18.30
CA ALA B 201 -14.59 -25.29 -16.97
C ALA B 201 -15.65 -24.96 -15.92
N ALA B 202 -16.44 -23.93 -16.19
CA ALA B 202 -17.49 -23.52 -15.28
C ALA B 202 -18.51 -24.63 -15.14
N VAL B 203 -18.92 -25.20 -16.27
CA VAL B 203 -19.88 -26.29 -16.29
C VAL B 203 -19.47 -27.40 -15.32
N ARG B 204 -18.27 -27.92 -15.53
CA ARG B 204 -17.75 -29.00 -14.70
C ARG B 204 -17.59 -28.60 -13.24
N LEU B 205 -17.54 -27.30 -12.98
CA LEU B 205 -17.41 -26.83 -11.60
C LEU B 205 -18.76 -26.91 -10.91
N VAL B 206 -19.79 -26.47 -11.63
CA VAL B 206 -21.15 -26.49 -11.08
C VAL B 206 -21.65 -27.93 -11.02
N LYS B 207 -21.36 -28.71 -12.05
CA LYS B 207 -21.79 -30.10 -12.09
C LYS B 207 -21.13 -30.89 -10.97
N ALA B 208 -20.13 -30.30 -10.32
CA ALA B 208 -19.45 -30.97 -9.22
C ALA B 208 -19.91 -30.44 -7.86
N GLY B 209 -20.97 -29.63 -7.87
CA GLY B 209 -21.50 -29.10 -6.63
C GLY B 209 -21.25 -27.64 -6.32
N ALA B 210 -20.64 -26.89 -7.24
CA ALA B 210 -20.37 -25.48 -7.00
C ALA B 210 -21.59 -24.59 -7.16
N SER B 211 -21.93 -23.83 -6.13
CA SER B 211 -23.08 -22.94 -6.19
C SER B 211 -22.64 -21.54 -6.62
N ILE B 212 -21.34 -21.26 -6.46
CA ILE B 212 -20.74 -19.98 -6.84
C ILE B 212 -19.46 -20.25 -7.61
N ILE B 213 -19.36 -19.73 -8.84
CA ILE B 213 -18.13 -19.93 -9.62
C ILE B 213 -17.65 -18.61 -10.22
N GLY B 214 -16.40 -18.60 -10.66
CA GLY B 214 -15.86 -17.40 -11.26
C GLY B 214 -14.37 -17.49 -11.48
N VAL B 215 -13.69 -16.36 -11.28
CA VAL B 215 -12.26 -16.30 -11.48
C VAL B 215 -11.59 -15.46 -10.41
N ASN B 216 -10.30 -15.72 -10.22
CA ASN B 216 -9.52 -14.96 -9.26
C ASN B 216 -8.06 -15.00 -9.67
N CYS B 217 -7.38 -13.89 -9.44
CA CYS B 217 -5.96 -13.76 -9.74
C CYS B 217 -5.57 -13.83 -11.21
N HIS B 218 -4.25 -13.83 -11.44
CA HIS B 218 -3.66 -13.94 -12.77
C HIS B 218 -3.87 -12.83 -13.78
N PHE B 219 -5.07 -12.26 -13.85
CA PHE B 219 -5.32 -11.20 -14.81
C PHE B 219 -5.99 -9.97 -14.22
N ASP B 220 -5.88 -8.85 -14.93
CA ASP B 220 -6.49 -7.60 -14.48
C ASP B 220 -8.02 -7.72 -14.53
N PRO B 221 -8.73 -6.74 -13.96
CA PRO B 221 -10.19 -6.78 -13.96
C PRO B 221 -10.86 -6.93 -15.32
N THR B 222 -10.30 -6.30 -16.35
CA THR B 222 -10.88 -6.36 -17.69
C THR B 222 -10.82 -7.75 -18.33
N ILE B 223 -9.65 -8.37 -18.28
CA ILE B 223 -9.48 -9.69 -18.84
C ILE B 223 -10.27 -10.68 -17.99
N SER B 224 -10.34 -10.41 -16.69
CA SER B 224 -11.08 -11.28 -15.79
C SER B 224 -12.56 -11.33 -16.15
N LEU B 225 -13.16 -10.17 -16.41
CA LEU B 225 -14.58 -10.19 -16.73
C LEU B 225 -14.85 -10.80 -18.09
N LYS B 226 -13.85 -10.81 -18.97
CA LYS B 226 -14.03 -11.44 -20.27
C LYS B 226 -14.17 -12.92 -19.98
N THR B 227 -13.34 -13.40 -19.07
CA THR B 227 -13.36 -14.81 -18.70
C THR B 227 -14.67 -15.20 -18.03
N VAL B 228 -15.16 -14.37 -17.11
CA VAL B 228 -16.41 -14.63 -16.43
C VAL B 228 -17.55 -14.70 -17.42
N LYS B 229 -17.51 -13.81 -18.41
CA LYS B 229 -18.55 -13.78 -19.42
C LYS B 229 -18.59 -15.13 -20.15
N LEU B 230 -17.41 -15.64 -20.50
CA LEU B 230 -17.32 -16.92 -21.18
C LEU B 230 -17.95 -18.00 -20.30
N MET B 231 -17.56 -18.03 -19.03
CA MET B 231 -18.07 -19.02 -18.09
C MET B 231 -19.59 -18.93 -18.02
N LYS B 232 -20.08 -17.70 -17.89
CA LYS B 232 -21.52 -17.44 -17.81
C LYS B 232 -22.26 -17.94 -19.05
N GLU B 233 -21.59 -17.89 -20.20
CA GLU B 233 -22.19 -18.33 -21.45
C GLU B 233 -22.17 -19.85 -21.57
N GLY B 234 -21.15 -20.48 -20.99
CA GLY B 234 -21.06 -21.93 -21.05
C GLY B 234 -22.11 -22.51 -20.11
N LEU B 235 -22.36 -21.80 -19.02
CA LEU B 235 -23.34 -22.21 -18.03
C LEU B 235 -24.74 -22.12 -18.62
N GLU B 236 -25.01 -20.99 -19.25
CA GLU B 236 -26.32 -20.77 -19.85
C GLU B 236 -26.60 -21.77 -20.97
N ALA B 237 -25.61 -22.02 -21.82
CA ALA B 237 -25.78 -22.97 -22.92
C ALA B 237 -26.13 -24.36 -22.39
N ALA B 238 -25.81 -24.61 -21.13
CA ALA B 238 -26.06 -25.92 -20.52
C ALA B 238 -27.24 -25.90 -19.55
N GLN B 239 -28.10 -24.90 -19.67
CA GLN B 239 -29.26 -24.78 -18.79
C GLN B 239 -28.89 -24.85 -17.31
N LEU B 240 -27.65 -24.51 -16.98
CA LEU B 240 -27.22 -24.54 -15.59
C LEU B 240 -27.17 -23.13 -15.01
N LYS B 241 -27.43 -23.02 -13.71
CA LYS B 241 -27.43 -21.72 -13.04
C LYS B 241 -26.49 -21.72 -11.84
N ALA B 242 -25.96 -20.54 -11.54
CA ALA B 242 -25.05 -20.39 -10.41
C ALA B 242 -24.60 -18.94 -10.30
N HIS B 243 -24.34 -18.50 -9.08
CA HIS B 243 -23.92 -17.13 -8.83
C HIS B 243 -22.50 -16.90 -9.32
N LEU B 244 -22.29 -15.76 -9.98
CA LEU B 244 -20.98 -15.43 -10.52
C LEU B 244 -20.12 -14.67 -9.52
N MET B 245 -18.82 -14.94 -9.56
CA MET B 245 -17.89 -14.32 -8.64
C MET B 245 -16.61 -13.90 -9.36
N SER B 246 -16.04 -12.77 -8.94
CA SER B 246 -14.82 -12.27 -9.55
C SER B 246 -13.90 -11.59 -8.52
N GLN B 247 -12.64 -12.00 -8.53
CA GLN B 247 -11.62 -11.44 -7.65
C GLN B 247 -10.36 -11.31 -8.48
N PRO B 248 -10.32 -10.31 -9.36
CA PRO B 248 -9.18 -10.05 -10.25
C PRO B 248 -8.00 -9.44 -9.52
N LEU B 249 -6.89 -9.35 -10.24
CA LEU B 249 -5.69 -8.71 -9.71
C LEU B 249 -6.00 -7.21 -9.73
N ALA B 250 -5.28 -6.43 -8.93
CA ALA B 250 -5.46 -4.99 -8.95
C ALA B 250 -4.32 -4.44 -9.82
N TYR B 251 -3.78 -5.30 -10.67
CA TYR B 251 -2.69 -4.94 -11.57
C TYR B 251 -3.10 -5.04 -13.02
N HIS B 252 -2.81 -4.00 -13.80
CA HIS B 252 -3.13 -4.02 -15.24
C HIS B 252 -2.18 -5.05 -15.89
N THR B 253 -2.75 -5.95 -16.68
CA THR B 253 -1.96 -6.99 -17.34
C THR B 253 -2.34 -7.17 -18.80
N PRO B 254 -2.29 -6.09 -19.60
CA PRO B 254 -2.66 -6.24 -21.02
C PRO B 254 -1.65 -7.08 -21.78
N ASP B 255 -0.46 -7.23 -21.19
CA ASP B 255 0.61 -7.97 -21.84
C ASP B 255 0.74 -9.44 -21.43
N ALA B 256 -0.07 -9.87 -20.46
CA ALA B 256 -0.01 -11.25 -20.00
C ALA B 256 -0.51 -12.27 -21.03
N ASN B 257 0.07 -13.47 -21.03
CA ASN B 257 -0.39 -14.52 -21.93
C ASN B 257 -1.31 -15.42 -21.09
N LYS B 258 -1.66 -16.59 -21.60
CA LYS B 258 -2.56 -17.47 -20.86
C LYS B 258 -2.10 -17.94 -19.48
N GLN B 259 -0.82 -17.75 -19.17
CA GLN B 259 -0.32 -18.15 -17.85
C GLN B 259 -0.49 -17.06 -16.79
N GLY B 260 -0.91 -15.87 -17.20
CA GLY B 260 -1.11 -14.81 -16.22
C GLY B 260 0.10 -13.99 -15.87
N PHE B 261 -0.02 -13.18 -14.81
CA PHE B 261 1.05 -12.29 -14.41
C PHE B 261 2.32 -12.91 -13.84
N ILE B 262 2.28 -14.14 -13.34
CA ILE B 262 3.51 -14.73 -12.81
C ILE B 262 4.57 -14.84 -13.89
N ASP B 263 4.13 -14.97 -15.14
CA ASP B 263 5.03 -15.09 -16.28
C ASP B 263 5.60 -13.73 -16.73
N LEU B 264 4.99 -12.64 -16.28
CA LEU B 264 5.50 -11.32 -16.64
C LEU B 264 6.85 -11.16 -15.95
N PRO B 265 7.81 -10.53 -16.63
CA PRO B 265 9.16 -10.32 -16.07
C PRO B 265 9.18 -9.56 -14.76
N GLU B 266 8.19 -8.70 -14.54
CA GLU B 266 8.13 -7.89 -13.32
C GLU B 266 7.61 -8.62 -12.09
N PHE B 267 7.03 -9.80 -12.29
CA PHE B 267 6.49 -10.56 -11.16
C PHE B 267 7.63 -11.09 -10.29
N PRO B 268 7.54 -10.87 -8.96
CA PRO B 268 6.45 -10.13 -8.33
C PRO B 268 6.96 -8.84 -7.69
N PHE B 269 8.21 -8.48 -7.98
CA PHE B 269 8.83 -7.31 -7.38
C PHE B 269 8.85 -5.98 -8.14
N GLY B 270 8.39 -5.98 -9.39
CA GLY B 270 8.38 -4.74 -10.15
C GLY B 270 7.02 -4.45 -10.74
N LEU B 271 5.99 -4.92 -10.04
CA LEU B 271 4.60 -4.77 -10.47
C LEU B 271 3.99 -3.41 -10.13
N GLU B 272 4.67 -2.65 -9.27
CA GLU B 272 4.16 -1.35 -8.82
C GLU B 272 3.41 -0.47 -9.81
N PRO B 273 4.02 -0.17 -10.98
CA PRO B 273 3.35 0.68 -11.98
C PRO B 273 1.98 0.24 -12.46
N ARG B 274 1.73 -1.06 -12.40
CA ARG B 274 0.49 -1.66 -12.87
C ARG B 274 -0.70 -1.55 -11.94
N VAL B 275 -0.46 -1.19 -10.68
CA VAL B 275 -1.56 -1.10 -9.73
C VAL B 275 -2.70 -0.18 -10.18
N ALA B 276 -3.92 -0.70 -10.05
CA ALA B 276 -5.10 0.06 -10.43
C ALA B 276 -5.40 1.19 -9.46
N THR B 277 -5.94 2.28 -9.98
CA THR B 277 -6.33 3.41 -9.15
C THR B 277 -7.70 3.02 -8.61
N ARG B 278 -8.21 3.78 -7.64
CA ARG B 278 -9.53 3.48 -7.12
C ARG B 278 -10.56 3.65 -8.24
N TRP B 279 -10.27 4.53 -9.20
CA TRP B 279 -11.20 4.75 -10.30
C TRP B 279 -11.26 3.53 -11.23
N ASP B 280 -10.11 2.90 -11.47
CA ASP B 280 -10.09 1.70 -12.32
C ASP B 280 -11.02 0.64 -11.70
N ILE B 281 -10.93 0.51 -10.38
CA ILE B 281 -11.72 -0.46 -9.63
C ILE B 281 -13.22 -0.14 -9.63
N GLN B 282 -13.57 1.14 -9.61
CA GLN B 282 -14.97 1.51 -9.65
C GLN B 282 -15.55 1.14 -11.01
N LYS B 283 -14.73 1.28 -12.04
CA LYS B 283 -15.16 0.93 -13.40
C LYS B 283 -15.36 -0.59 -13.48
N TYR B 284 -14.46 -1.32 -12.85
CA TYR B 284 -14.54 -2.77 -12.84
C TYR B 284 -15.80 -3.21 -12.09
N ALA B 285 -16.03 -2.59 -10.94
CA ALA B 285 -17.20 -2.92 -10.12
C ALA B 285 -18.50 -2.73 -10.90
N ARG B 286 -18.63 -1.60 -11.57
CA ARG B 286 -19.84 -1.33 -12.36
C ARG B 286 -19.99 -2.42 -13.41
N GLU B 287 -18.95 -2.62 -14.22
CA GLU B 287 -18.97 -3.62 -15.28
C GLU B 287 -19.31 -5.03 -14.77
N ALA B 288 -18.72 -5.42 -13.64
CA ALA B 288 -18.98 -6.73 -13.05
C ALA B 288 -20.48 -6.81 -12.73
N TYR B 289 -20.98 -5.76 -12.08
CA TYR B 289 -22.38 -5.68 -11.73
C TYR B 289 -23.25 -5.80 -12.98
N ASN B 290 -22.95 -5.01 -14.01
CA ASN B 290 -23.72 -5.07 -15.25
C ASN B 290 -23.66 -6.45 -15.90
N LEU B 291 -22.58 -7.19 -15.66
CA LEU B 291 -22.40 -8.52 -16.22
C LEU B 291 -23.21 -9.55 -15.44
N GLY B 292 -23.64 -9.19 -14.24
CA GLY B 292 -24.42 -10.11 -13.45
C GLY B 292 -23.64 -10.71 -12.29
N VAL B 293 -22.41 -10.22 -12.09
CA VAL B 293 -21.58 -10.70 -11.00
C VAL B 293 -22.13 -10.08 -9.72
N ARG B 294 -22.28 -10.88 -8.67
CA ARG B 294 -22.80 -10.36 -7.42
C ARG B 294 -21.88 -10.65 -6.24
N TYR B 295 -20.83 -11.40 -6.50
CA TYR B 295 -19.82 -11.67 -5.48
C TYR B 295 -18.62 -10.93 -6.09
N ILE B 296 -18.52 -9.65 -5.76
CA ILE B 296 -17.47 -8.80 -6.31
C ILE B 296 -16.34 -8.55 -5.32
N GLY B 297 -15.17 -9.11 -5.63
CA GLY B 297 -14.03 -8.94 -4.77
C GLY B 297 -12.77 -8.61 -5.55
N GLY B 298 -11.63 -8.84 -4.92
CA GLY B 298 -10.36 -8.58 -5.56
C GLY B 298 -9.34 -9.57 -5.05
N CYS B 299 -8.18 -9.60 -5.70
CA CYS B 299 -7.14 -10.53 -5.31
C CYS B 299 -5.82 -9.78 -5.15
N CYS B 300 -4.71 -10.44 -5.49
CA CYS B 300 -3.38 -9.81 -5.37
C CYS B 300 -3.37 -8.36 -5.86
N GLY B 301 -2.85 -7.47 -5.03
CA GLY B 301 -2.80 -6.06 -5.39
C GLY B 301 -3.90 -5.23 -4.76
N PHE B 302 -5.02 -5.87 -4.44
CA PHE B 302 -6.14 -5.18 -3.81
C PHE B 302 -5.85 -4.80 -2.36
N GLU B 303 -5.89 -3.50 -2.09
CA GLU B 303 -5.68 -2.98 -0.76
C GLU B 303 -7.06 -2.47 -0.30
N PRO B 304 -7.19 -2.09 0.97
CA PRO B 304 -8.48 -1.60 1.47
C PRO B 304 -9.21 -0.56 0.62
N TYR B 305 -8.51 0.47 0.15
CA TYR B 305 -9.19 1.49 -0.65
C TYR B 305 -9.74 0.94 -1.95
N HIS B 306 -9.16 -0.14 -2.47
CA HIS B 306 -9.67 -0.73 -3.70
C HIS B 306 -11.05 -1.35 -3.39
N ILE B 307 -11.13 -2.11 -2.31
CA ILE B 307 -12.38 -2.74 -1.89
C ILE B 307 -13.41 -1.65 -1.68
N ARG B 308 -13.00 -0.59 -0.99
CA ARG B 308 -13.89 0.53 -0.74
C ARG B 308 -14.43 1.12 -2.05
N ALA B 309 -13.61 1.10 -3.10
CA ALA B 309 -14.03 1.63 -4.40
C ALA B 309 -15.21 0.82 -4.92
N ILE B 310 -15.19 -0.49 -4.67
CA ILE B 310 -16.29 -1.35 -5.11
C ILE B 310 -17.56 -0.92 -4.37
N ALA B 311 -17.44 -0.82 -3.05
CA ALA B 311 -18.54 -0.43 -2.18
C ALA B 311 -19.09 0.96 -2.49
N GLU B 312 -18.23 1.90 -2.88
CA GLU B 312 -18.70 3.24 -3.20
C GLU B 312 -19.35 3.30 -4.57
N GLU B 313 -18.75 2.62 -5.54
CA GLU B 313 -19.30 2.63 -6.89
C GLU B 313 -20.71 2.04 -6.92
N LEU B 314 -20.93 1.01 -6.11
CA LEU B 314 -22.21 0.34 -6.06
C LEU B 314 -23.09 0.75 -4.86
N ALA B 315 -22.68 1.81 -4.17
CA ALA B 315 -23.41 2.32 -3.02
C ALA B 315 -24.88 2.53 -3.35
N PRO B 316 -25.18 3.14 -4.50
CA PRO B 316 -26.61 3.34 -4.81
C PRO B 316 -27.39 2.02 -4.80
N GLU B 317 -26.84 1.01 -5.46
CA GLU B 317 -27.46 -0.29 -5.51
C GLU B 317 -27.65 -0.84 -4.10
N ARG B 318 -26.53 -1.03 -3.40
CA ARG B 318 -26.55 -1.59 -2.06
C ARG B 318 -27.26 -0.73 -1.02
N GLY B 319 -27.41 0.56 -1.33
CA GLY B 319 -28.11 1.45 -0.41
C GLY B 319 -27.39 1.98 0.81
N PHE B 320 -26.06 1.87 0.86
CA PHE B 320 -25.30 2.40 1.99
C PHE B 320 -23.81 2.51 1.67
N LEU B 321 -23.10 3.28 2.47
CA LEU B 321 -21.67 3.47 2.29
C LEU B 321 -20.91 2.79 3.43
N PRO B 322 -19.72 2.25 3.13
CA PRO B 322 -18.95 1.58 4.19
C PRO B 322 -18.37 2.61 5.14
N PRO B 323 -18.01 2.20 6.35
CA PRO B 323 -17.44 3.07 7.39
C PRO B 323 -16.26 3.90 6.87
N ALA B 324 -15.42 3.28 6.04
CA ALA B 324 -14.25 3.95 5.50
C ALA B 324 -14.60 5.14 4.61
N SER B 325 -15.86 5.26 4.21
CA SER B 325 -16.28 6.37 3.35
C SER B 325 -16.38 7.68 4.09
N GLU B 326 -16.30 7.61 5.42
CA GLU B 326 -16.34 8.83 6.22
C GLU B 326 -14.99 9.52 6.06
N LYS B 327 -14.03 8.78 5.52
CA LYS B 327 -12.68 9.30 5.29
C LYS B 327 -12.39 9.40 3.80
N HIS B 328 -13.40 9.77 3.03
CA HIS B 328 -13.23 9.89 1.57
C HIS B 328 -14.25 10.91 1.05
N GLY B 329 -14.36 10.97 -0.27
CA GLY B 329 -15.30 11.87 -0.92
C GLY B 329 -15.68 11.21 -2.24
N SER B 330 -16.89 11.48 -2.73
CA SER B 330 -17.29 10.87 -3.98
C SER B 330 -16.49 11.48 -5.13
N TRP B 331 -15.81 10.62 -5.87
CA TRP B 331 -15.01 11.07 -7.01
C TRP B 331 -14.18 12.32 -6.70
N GLY B 332 -13.44 12.28 -5.61
CA GLY B 332 -12.58 13.41 -5.25
C GLY B 332 -13.22 14.54 -4.45
N SER B 333 -14.49 14.41 -4.10
CA SER B 333 -15.17 15.47 -3.34
C SER B 333 -14.35 16.01 -2.18
N GLY B 334 -13.58 15.12 -1.54
CA GLY B 334 -12.76 15.51 -0.41
C GLY B 334 -11.72 16.60 -0.62
N LEU B 335 -11.41 16.88 -1.88
CA LEU B 335 -10.42 17.89 -2.27
C LEU B 335 -11.02 19.29 -2.53
N ASP B 336 -12.34 19.41 -2.49
CA ASP B 336 -12.96 20.71 -2.78
C ASP B 336 -12.56 21.88 -1.90
N MET B 337 -11.92 21.62 -0.77
CA MET B 337 -11.51 22.69 0.13
C MET B 337 -10.00 22.96 0.12
N HIS B 338 -9.25 22.20 -0.69
CA HIS B 338 -7.81 22.37 -0.79
C HIS B 338 -7.46 23.81 -1.18
N THR B 339 -6.26 24.25 -0.82
CA THR B 339 -5.81 25.63 -1.10
C THR B 339 -5.64 26.02 -2.56
N LYS B 340 -5.08 25.12 -3.37
CA LYS B 340 -4.87 25.43 -4.78
C LYS B 340 -6.12 25.18 -5.63
N PRO B 341 -6.41 26.10 -6.58
CA PRO B 341 -7.56 26.05 -7.49
C PRO B 341 -7.64 24.78 -8.31
N TRP B 342 -6.55 24.46 -9.01
CA TRP B 342 -6.52 23.27 -9.86
C TRP B 342 -6.65 21.95 -9.08
N VAL B 343 -6.44 21.99 -7.77
CA VAL B 343 -6.59 20.77 -6.97
C VAL B 343 -8.08 20.68 -6.61
N ARG B 344 -8.70 21.83 -6.31
CA ARG B 344 -10.12 21.86 -5.98
C ARG B 344 -10.87 21.43 -7.22
N ALA B 345 -10.33 21.80 -8.37
CA ALA B 345 -10.93 21.44 -9.64
C ALA B 345 -11.04 19.90 -9.80
N ARG B 346 -10.21 19.16 -9.07
CA ARG B 346 -10.21 17.70 -9.17
C ARG B 346 -11.23 17.02 -8.26
N ALA B 347 -12.00 17.83 -7.53
CA ALA B 347 -13.00 17.28 -6.61
C ALA B 347 -14.27 16.84 -7.33
N ARG B 348 -14.12 16.05 -8.39
CA ARG B 348 -15.30 15.61 -9.12
C ARG B 348 -15.12 14.43 -10.06
N LYS B 349 -16.22 13.69 -10.25
CA LYS B 349 -16.30 12.51 -11.11
C LYS B 349 -15.79 12.79 -12.50
N GLU B 350 -16.35 13.81 -13.11
CA GLU B 350 -15.99 14.21 -14.46
C GLU B 350 -14.48 14.35 -14.64
N TYR B 351 -13.74 14.42 -13.55
CA TYR B 351 -12.30 14.57 -13.67
C TYR B 351 -11.54 13.25 -13.61
N TRP B 352 -11.65 12.55 -12.50
CA TRP B 352 -10.93 11.29 -12.37
C TRP B 352 -11.31 10.17 -13.34
N GLU B 353 -12.56 10.13 -13.81
CA GLU B 353 -12.94 9.05 -14.74
C GLU B 353 -12.49 9.28 -16.18
N ASN B 354 -12.03 10.49 -16.49
CA ASN B 354 -11.58 10.79 -17.84
C ASN B 354 -10.06 10.98 -17.88
N LEU B 355 -9.46 11.15 -16.72
CA LEU B 355 -8.02 11.37 -16.63
C LEU B 355 -7.17 10.14 -17.00
N ARG B 356 -6.36 10.29 -18.05
CA ARG B 356 -5.44 9.23 -18.47
C ARG B 356 -4.13 9.51 -17.71
N ILE B 357 -3.99 8.90 -16.55
CA ILE B 357 -2.83 9.10 -15.70
C ILE B 357 -1.47 8.74 -16.29
N ALA B 358 -0.46 9.53 -15.95
CA ALA B 358 0.90 9.29 -16.45
C ALA B 358 1.61 8.25 -15.59
N SER B 359 2.51 7.48 -16.22
CA SER B 359 3.26 6.43 -15.54
C SER B 359 4.39 7.02 -14.70
N GLY B 360 4.88 8.19 -15.11
CA GLY B 360 5.98 8.83 -14.40
C GLY B 360 7.32 8.18 -14.72
N ARG B 361 7.33 7.24 -15.66
CA ARG B 361 8.53 6.51 -16.05
C ARG B 361 8.74 6.57 -17.58
N PRO B 362 9.15 7.74 -18.10
CA PRO B 362 9.37 7.93 -19.54
C PRO B 362 10.51 7.11 -20.13
N TYR B 363 11.42 6.62 -19.28
CA TYR B 363 12.53 5.82 -19.76
C TYR B 363 12.20 4.33 -19.71
N ASN B 364 10.95 4.02 -19.39
CA ASN B 364 10.49 2.65 -19.29
C ASN B 364 9.45 2.32 -20.35
N PRO B 365 9.26 1.03 -20.65
CA PRO B 365 8.25 0.64 -21.65
C PRO B 365 6.87 0.59 -20.99
N SER B 366 5.81 0.46 -21.79
CA SER B 366 4.48 0.39 -21.22
C SER B 366 3.99 -1.06 -21.13
N MET B 367 4.68 -1.97 -21.82
CA MET B 367 4.34 -3.40 -21.75
C MET B 367 5.62 -4.23 -21.82
N SER B 368 5.54 -5.47 -21.35
CA SER B 368 6.69 -6.37 -21.39
C SER B 368 6.23 -7.69 -22.00
N LYS B 369 7.17 -8.57 -22.32
CA LYS B 369 6.83 -9.86 -22.93
C LYS B 369 6.96 -10.99 -21.91
N PRO B 370 5.89 -11.80 -21.75
CA PRO B 370 5.92 -12.92 -20.80
C PRO B 370 7.17 -13.80 -20.91
N ASP B 371 7.78 -14.04 -19.75
CA ASP B 371 8.99 -14.86 -19.54
C ASP B 371 10.12 -14.10 -18.88
#